data_2AY4
#
_entry.id   2AY4
#
_cell.length_a   124.200
_cell.length_b   121.790
_cell.length_c   55.170
_cell.angle_alpha   90.00
_cell.angle_beta   90.00
_cell.angle_gamma   90.00
#
_symmetry.space_group_name_H-M   'P 21 21 21'
#
loop_
_entity.id
_entity.type
_entity.pdbx_description
1 polymer 'AROMATIC AMINO ACID AMINOTRANSFERASE'
2 non-polymer "PYRIDOXAL-5'-PHOSPHATE"
3 non-polymer '3-(P-TOLYL)PROPIONIC ACID'
4 water water
#
_entity_poly.entity_id   1
_entity_poly.type   'polypeptide(L)'
_entity_poly.pdbx_seq_one_letter_code
;MLGNLKPQAPDKILALMGEFRADPRQGKIDLGVGVYKDATGHTPIMRAVHAAEQRMLETETTKTYAGLSGEPEFQKAMGE
LILGDGLKSETTATLATVGGTGALRQALELARMANPDLRVFVSDPTWPNHVSIMNFMGLPVQTYRYFDAETRGVDFEGMK
ADLAAAKKGDMVLLHGCCHNPTGANLTLDQWAEIASILEKTGALPLIDLAYQGFGDGLEEDAAGTRLIASRIPEVLIAAS
CSKNFGIYRERTGCLLALCADAATRELAQGAMAFLNRQTYSFPPFHGAKIVSTVLTTPELRADWMAELEAVRSGMLRLRE
QLAGELRDLSGSDRFGFVAEHRGMFSRLGATPEQVKRIKEEFGIYMVGDSRINIAGLNDNTIPILARAIIEVGV
;
_entity_poly.pdbx_strand_id   A,B
#
loop_
_chem_comp.id
_chem_comp.type
_chem_comp.name
_chem_comp.formula
PLP non-polymer PYRIDOXAL-5'-PHOSPHATE 'C8 H10 N O6 P'
PPT non-polymer '3-(P-TOLYL)PROPIONIC ACID' 'C10 H12 O2'
#
# COMPACT_ATOMS: atom_id res chain seq x y z
N MET A 1 9.51 18.02 -18.11
CA MET A 1 8.14 17.44 -18.24
C MET A 1 7.34 17.67 -16.98
N LEU A 2 7.93 17.39 -15.82
CA LEU A 2 7.24 17.55 -14.54
C LEU A 2 6.77 18.96 -14.20
N GLY A 3 7.15 19.94 -15.02
CA GLY A 3 6.73 21.30 -14.77
C GLY A 3 5.26 21.48 -15.12
N ASN A 4 4.75 20.56 -15.92
CA ASN A 4 3.36 20.58 -16.35
C ASN A 4 2.42 20.21 -15.21
N LEU A 5 2.93 19.45 -14.24
CA LEU A 5 2.14 19.03 -13.09
C LEU A 5 1.25 20.15 -12.55
N LYS A 6 -0.05 19.86 -12.46
CA LYS A 6 -0.99 20.85 -11.93
C LYS A 6 -0.87 20.71 -10.42
N PRO A 7 -0.66 21.84 -9.72
CA PRO A 7 -0.53 21.84 -8.27
C PRO A 7 -1.70 21.18 -7.58
N GLN A 8 -1.39 20.23 -6.70
CA GLN A 8 -2.42 19.50 -5.97
C GLN A 8 -2.59 20.09 -4.58
N ALA A 9 -3.84 20.26 -4.18
CA ALA A 9 -4.15 20.82 -2.87
C ALA A 9 -3.66 19.91 -1.74
N PRO A 10 -3.15 20.50 -0.65
CA PRO A 10 -2.65 19.75 0.50
C PRO A 10 -3.77 18.97 1.19
N ASP A 11 -3.41 18.23 2.24
CA ASP A 11 -4.36 17.42 3.00
C ASP A 11 -5.33 18.21 3.88
N LYS A 12 -5.09 19.51 4.01
CA LYS A 12 -5.91 20.39 4.86
C LYS A 12 -5.59 20.16 6.33
N ILE A 13 -5.52 18.90 6.74
CA ILE A 13 -5.20 18.51 8.12
C ILE A 13 -4.05 19.36 8.66
N LEU A 14 -3.03 19.49 7.82
CA LEU A 14 -1.82 20.25 8.16
C LEU A 14 -2.20 21.66 8.53
N ALA A 15 -3.03 22.30 7.71
CA ALA A 15 -3.48 23.67 7.94
C ALA A 15 -4.21 23.81 9.27
N LEU A 16 -5.02 22.80 9.60
CA LEU A 16 -5.77 22.79 10.86
C LEU A 16 -4.78 22.85 12.03
N MET A 17 -3.79 21.96 11.99
CA MET A 17 -2.76 21.90 13.04
C MET A 17 -1.94 23.18 13.03
N GLY A 18 -1.80 23.77 11.85
CA GLY A 18 -1.05 25.00 11.70
C GLY A 18 -1.73 26.11 12.48
N GLU A 19 -3.04 26.21 12.35
CA GLU A 19 -3.81 27.22 13.05
C GLU A 19 -3.68 27.03 14.55
N PHE A 20 -4.06 25.86 15.01
CA PHE A 20 -4.01 25.52 16.42
C PHE A 20 -2.64 25.83 17.05
N ARG A 21 -1.58 25.22 16.53
CA ARG A 21 -0.22 25.44 17.06
C ARG A 21 0.21 26.90 17.11
N ALA A 22 -0.24 27.69 16.14
CA ALA A 22 0.10 29.11 16.10
C ALA A 22 -0.63 29.90 17.17
N ASP A 23 -1.77 29.38 17.62
CA ASP A 23 -2.58 30.03 18.64
C ASP A 23 -1.83 30.13 19.97
N PRO A 24 -1.56 31.37 20.43
CA PRO A 24 -0.84 31.61 21.69
C PRO A 24 -1.75 31.51 22.92
N ARG A 25 -2.91 30.88 22.75
CA ARG A 25 -3.85 30.76 23.86
C ARG A 25 -3.58 29.60 24.79
N GLN A 26 -3.40 29.93 26.06
CA GLN A 26 -3.13 28.97 27.12
C GLN A 26 -4.12 27.80 27.10
N GLY A 27 -5.42 28.12 27.10
CA GLY A 27 -6.43 27.08 27.10
C GLY A 27 -7.10 26.77 25.77
N LYS A 28 -6.31 26.58 24.72
CA LYS A 28 -6.88 26.24 23.41
C LYS A 28 -7.21 24.74 23.39
N ILE A 29 -8.32 24.39 22.75
CA ILE A 29 -8.77 22.99 22.67
C ILE A 29 -8.87 22.51 21.23
N ASP A 30 -8.52 21.25 20.98
CA ASP A 30 -8.57 20.68 19.65
C ASP A 30 -9.52 19.48 19.52
N LEU A 31 -10.71 19.71 18.99
CA LEU A 31 -11.68 18.65 18.78
C LEU A 31 -11.70 18.28 17.30
N GLY A 32 -10.69 18.73 16.57
CA GLY A 32 -10.60 18.43 15.16
C GLY A 32 -9.79 17.17 14.89
N VAL A 33 -9.15 16.65 15.92
CA VAL A 33 -8.35 15.43 15.78
C VAL A 33 -9.20 14.34 15.15
N GLY A 34 -8.59 13.47 14.36
CA GLY A 34 -9.34 12.41 13.72
C GLY A 34 -8.98 11.02 14.22
N VAL A 35 -8.25 10.94 15.32
CA VAL A 35 -7.85 9.66 15.88
C VAL A 35 -8.28 9.66 17.33
N TYR A 36 -8.24 8.48 17.94
CA TYR A 36 -8.60 8.35 19.34
C TYR A 36 -7.44 8.83 20.21
N LYS A 37 -7.77 9.57 21.26
CA LYS A 37 -6.80 10.07 22.20
C LYS A 37 -7.34 9.79 23.59
N ASP A 38 -6.51 9.23 24.47
CA ASP A 38 -6.97 8.93 25.82
C ASP A 38 -6.96 10.17 26.72
N ALA A 39 -7.23 9.94 28.01
CA ALA A 39 -7.28 11.00 29.01
C ALA A 39 -6.10 11.98 28.99
N THR A 40 -4.90 11.44 28.73
CA THR A 40 -3.69 12.25 28.69
C THR A 40 -3.32 12.78 27.31
N GLY A 41 -4.26 12.73 26.37
CA GLY A 41 -4.00 13.22 25.03
C GLY A 41 -3.10 12.35 24.19
N HIS A 42 -3.08 11.06 24.47
CA HIS A 42 -2.23 10.13 23.71
C HIS A 42 -3.03 9.06 22.98
N THR A 43 -2.46 8.55 21.89
CA THR A 43 -3.04 7.49 21.09
C THR A 43 -2.16 6.27 21.36
N PRO A 44 -2.37 5.61 22.51
CA PRO A 44 -1.58 4.44 22.92
C PRO A 44 -1.64 3.23 22.02
N ILE A 45 -0.69 2.34 22.21
CA ILE A 45 -0.64 1.09 21.49
C ILE A 45 -1.37 0.15 22.43
N MET A 46 -2.36 -0.55 21.92
CA MET A 46 -3.15 -1.47 22.71
C MET A 46 -2.28 -2.60 23.25
N ARG A 47 -2.61 -3.05 24.46
CA ARG A 47 -1.89 -4.11 25.14
C ARG A 47 -1.75 -5.37 24.29
N ALA A 48 -2.85 -5.88 23.75
CA ALA A 48 -2.81 -7.08 22.94
C ALA A 48 -1.92 -6.88 21.71
N VAL A 49 -1.94 -5.68 21.16
CA VAL A 49 -1.13 -5.36 19.98
C VAL A 49 0.37 -5.42 20.29
N HIS A 50 0.79 -4.82 21.41
CA HIS A 50 2.19 -4.85 21.82
C HIS A 50 2.61 -6.27 22.17
N ALA A 51 1.66 -7.07 22.64
CA ALA A 51 1.94 -8.46 23.00
C ALA A 51 2.16 -9.27 21.73
N ALA A 52 1.32 -9.03 20.72
CA ALA A 52 1.43 -9.73 19.44
C ALA A 52 2.77 -9.41 18.78
N GLU A 53 3.18 -8.15 18.87
CA GLU A 53 4.44 -7.74 18.28
C GLU A 53 5.63 -8.39 18.96
N GLN A 54 5.53 -8.62 20.27
CA GLN A 54 6.61 -9.27 21.01
C GLN A 54 6.68 -10.70 20.54
N ARG A 55 5.52 -11.34 20.47
CA ARG A 55 5.41 -12.72 20.06
C ARG A 55 5.94 -12.94 18.63
N MET A 56 5.64 -12.01 17.73
CA MET A 56 6.08 -12.08 16.34
C MET A 56 7.61 -11.99 16.23
N LEU A 57 8.19 -11.08 17.00
CA LEU A 57 9.64 -10.89 17.01
C LEU A 57 10.38 -12.18 17.35
N GLU A 58 9.78 -12.99 18.21
CA GLU A 58 10.37 -14.26 18.64
C GLU A 58 10.07 -15.47 17.76
N THR A 59 8.94 -15.46 17.06
CA THR A 59 8.57 -16.60 16.22
C THR A 59 8.87 -16.46 14.74
N GLU A 60 9.01 -15.23 14.27
CA GLU A 60 9.28 -15.05 12.85
C GLU A 60 10.70 -15.49 12.53
N THR A 61 10.85 -16.27 11.47
CA THR A 61 12.16 -16.76 11.05
C THR A 61 12.57 -16.23 9.68
N THR A 62 11.60 -15.79 8.89
CA THR A 62 11.87 -15.27 7.55
C THR A 62 10.94 -14.12 7.20
N LYS A 63 11.29 -13.40 6.14
CA LYS A 63 10.49 -12.29 5.65
C LYS A 63 10.34 -12.36 4.13
N THR A 64 10.43 -13.57 3.59
CA THR A 64 10.28 -13.77 2.16
C THR A 64 8.88 -13.33 1.75
N TYR A 65 8.61 -13.33 0.45
CA TYR A 65 7.31 -12.95 -0.07
C TYR A 65 6.22 -13.91 0.41
N ALA A 66 5.21 -13.35 1.06
CA ALA A 66 4.08 -14.11 1.57
C ALA A 66 2.96 -14.15 0.54
N GLY A 67 1.71 -14.04 0.98
CA GLY A 67 0.59 -14.11 0.06
C GLY A 67 0.20 -12.86 -0.69
N LEU A 68 -0.03 -13.01 -1.99
CA LEU A 68 -0.44 -11.91 -2.85
C LEU A 68 -1.78 -11.31 -2.40
N SER A 69 -2.73 -12.17 -2.02
CA SER A 69 -4.05 -11.72 -1.55
C SER A 69 -4.10 -11.56 -0.04
N GLY A 70 -2.98 -11.84 0.61
CA GLY A 70 -2.91 -11.76 2.06
C GLY A 70 -2.74 -13.16 2.63
N GLU A 71 -2.67 -13.27 3.94
CA GLU A 71 -2.50 -14.56 4.58
C GLU A 71 -3.85 -15.17 4.94
N PRO A 72 -3.98 -16.50 4.77
CA PRO A 72 -5.21 -17.23 5.08
C PRO A 72 -5.75 -16.97 6.49
N GLU A 73 -4.87 -17.07 7.49
CA GLU A 73 -5.27 -16.82 8.87
C GLU A 73 -5.88 -15.45 9.03
N PHE A 74 -5.35 -14.44 8.34
CA PHE A 74 -5.87 -13.09 8.44
C PHE A 74 -7.21 -12.93 7.75
N GLN A 75 -7.32 -13.48 6.54
CA GLN A 75 -8.55 -13.40 5.77
C GLN A 75 -9.70 -14.07 6.49
N LYS A 76 -9.43 -15.21 7.11
CA LYS A 76 -10.45 -15.96 7.84
C LYS A 76 -10.86 -15.25 9.13
N ALA A 77 -9.88 -14.79 9.89
CA ALA A 77 -10.15 -14.10 11.15
C ALA A 77 -10.97 -12.81 10.91
N MET A 78 -10.64 -12.10 9.84
CA MET A 78 -11.37 -10.88 9.53
C MET A 78 -12.80 -11.19 9.09
N GLY A 79 -12.95 -12.21 8.25
CA GLY A 79 -14.28 -12.60 7.80
C GLY A 79 -15.17 -12.98 8.96
N GLU A 80 -14.63 -13.73 9.92
CA GLU A 80 -15.38 -14.15 11.10
C GLU A 80 -15.67 -12.98 12.05
N LEU A 81 -14.76 -12.02 12.08
CA LEU A 81 -14.93 -10.84 12.93
C LEU A 81 -16.10 -9.98 12.43
N ILE A 82 -16.20 -9.84 11.11
CA ILE A 82 -17.25 -9.03 10.49
C ILE A 82 -18.58 -9.74 10.22
N LEU A 83 -18.53 -10.99 9.75
CA LEU A 83 -19.75 -11.73 9.40
C LEU A 83 -20.18 -12.81 10.38
N GLY A 84 -19.36 -13.06 11.40
CA GLY A 84 -19.67 -14.07 12.39
C GLY A 84 -19.92 -15.44 11.78
N ASP A 85 -20.84 -16.19 12.39
CA ASP A 85 -21.20 -17.54 11.91
C ASP A 85 -21.76 -17.48 10.50
N GLY A 86 -22.22 -16.30 10.10
CA GLY A 86 -22.79 -16.14 8.77
C GLY A 86 -21.79 -16.08 7.63
N LEU A 87 -20.54 -16.42 7.92
CA LEU A 87 -19.50 -16.40 6.90
C LEU A 87 -19.55 -17.63 5.99
N LYS A 88 -19.90 -17.42 4.72
CA LYS A 88 -19.98 -18.49 3.74
C LYS A 88 -18.72 -18.48 2.87
N SER A 89 -17.65 -19.07 3.39
CA SER A 89 -16.37 -19.14 2.70
C SER A 89 -16.43 -19.53 1.22
N GLU A 90 -17.29 -20.48 0.90
CA GLU A 90 -17.47 -20.97 -0.47
C GLU A 90 -17.76 -19.85 -1.48
N THR A 91 -18.39 -18.78 -1.01
CA THR A 91 -18.74 -17.65 -1.88
C THR A 91 -18.15 -16.30 -1.46
N THR A 92 -17.22 -16.33 -0.51
CA THR A 92 -16.60 -15.11 -0.01
C THR A 92 -15.15 -14.97 -0.51
N ALA A 93 -14.88 -13.87 -1.22
CA ALA A 93 -13.54 -13.57 -1.73
C ALA A 93 -12.95 -12.52 -0.79
N THR A 94 -11.68 -12.68 -0.41
CA THR A 94 -11.06 -11.72 0.51
C THR A 94 -9.74 -11.19 -0.01
N LEU A 95 -9.45 -9.92 0.26
CA LEU A 95 -8.20 -9.32 -0.17
C LEU A 95 -7.60 -8.44 0.91
N ALA A 96 -6.39 -8.78 1.33
CA ALA A 96 -5.68 -7.99 2.35
C ALA A 96 -5.28 -6.72 1.60
N THR A 97 -5.54 -5.57 2.21
CA THR A 97 -5.25 -4.31 1.56
C THR A 97 -4.46 -3.36 2.43
N VAL A 98 -4.03 -2.26 1.83
CA VAL A 98 -3.27 -1.24 2.54
C VAL A 98 -4.29 -0.35 3.23
N GLY A 99 -4.72 -0.77 4.42
CA GLY A 99 -5.72 -0.01 5.16
C GLY A 99 -7.10 -0.06 4.52
N GLY A 100 -8.06 0.59 5.17
CA GLY A 100 -9.42 0.63 4.66
C GLY A 100 -9.53 1.45 3.40
N THR A 101 -8.68 2.48 3.26
CA THR A 101 -8.72 3.34 2.07
C THR A 101 -8.33 2.51 0.86
N GLY A 102 -7.35 1.64 1.04
CA GLY A 102 -6.92 0.78 -0.05
C GLY A 102 -8.04 -0.19 -0.40
N ALA A 103 -8.78 -0.62 0.61
CA ALA A 103 -9.90 -1.55 0.41
C ALA A 103 -11.00 -0.87 -0.41
N LEU A 104 -11.24 0.40 -0.15
CA LEU A 104 -12.24 1.17 -0.89
C LEU A 104 -11.79 1.33 -2.33
N ARG A 105 -10.55 1.77 -2.51
CA ARG A 105 -9.96 1.97 -3.82
C ARG A 105 -10.05 0.70 -4.68
N GLN A 106 -9.73 -0.44 -4.07
CA GLN A 106 -9.79 -1.73 -4.76
C GLN A 106 -11.23 -2.14 -5.08
N ALA A 107 -12.16 -1.85 -4.18
CA ALA A 107 -13.57 -2.18 -4.38
C ALA A 107 -14.11 -1.42 -5.59
N LEU A 108 -13.78 -0.14 -5.67
CA LEU A 108 -14.18 0.72 -6.77
C LEU A 108 -13.57 0.25 -8.09
N GLU A 109 -12.31 -0.19 -8.04
CA GLU A 109 -11.59 -0.69 -9.22
C GLU A 109 -12.20 -2.00 -9.72
N LEU A 110 -12.51 -2.89 -8.79
CA LEU A 110 -13.11 -4.18 -9.11
C LEU A 110 -14.48 -3.99 -9.75
N ALA A 111 -15.28 -3.12 -9.14
CA ALA A 111 -16.62 -2.82 -9.64
C ALA A 111 -16.62 -2.23 -11.04
N ARG A 112 -15.66 -1.33 -11.29
CA ARG A 112 -15.52 -0.68 -12.59
C ARG A 112 -15.12 -1.72 -13.64
N MET A 113 -14.37 -2.74 -13.23
CA MET A 113 -13.95 -3.80 -14.15
C MET A 113 -15.17 -4.64 -14.56
N ALA A 114 -16.04 -4.89 -13.59
CA ALA A 114 -17.24 -5.69 -13.81
C ALA A 114 -18.33 -4.90 -14.53
N ASN A 115 -18.38 -3.60 -14.28
CA ASN A 115 -19.38 -2.73 -14.87
C ASN A 115 -18.77 -1.37 -15.14
N PRO A 116 -18.38 -1.11 -16.40
CA PRO A 116 -17.78 0.16 -16.81
C PRO A 116 -18.67 1.38 -16.58
N ASP A 117 -19.98 1.22 -16.77
CA ASP A 117 -20.93 2.31 -16.61
C ASP A 117 -21.37 2.56 -15.18
N LEU A 118 -20.51 2.19 -14.23
CA LEU A 118 -20.78 2.33 -12.81
C LEU A 118 -21.01 3.76 -12.32
N ARG A 119 -22.01 3.93 -11.45
CA ARG A 119 -22.30 5.22 -10.84
C ARG A 119 -22.32 4.95 -9.33
N VAL A 120 -21.75 5.83 -8.53
CA VAL A 120 -21.74 5.62 -7.09
C VAL A 120 -22.60 6.65 -6.35
N PHE A 121 -23.37 6.18 -5.38
CA PHE A 121 -24.23 7.03 -4.57
C PHE A 121 -23.55 7.13 -3.21
N VAL A 122 -23.34 8.35 -2.73
CA VAL A 122 -22.69 8.57 -1.45
C VAL A 122 -23.62 9.39 -0.58
N SER A 123 -23.53 9.24 0.73
CA SER A 123 -24.39 9.99 1.62
C SER A 123 -24.03 11.46 1.65
N ASP A 124 -25.00 12.25 2.09
CA ASP A 124 -24.81 13.69 2.22
C ASP A 124 -24.95 13.96 3.72
N PRO A 125 -23.82 14.15 4.42
CA PRO A 125 -22.44 14.13 3.92
C PRO A 125 -21.77 12.76 4.10
N THR A 126 -20.52 12.67 3.68
CA THR A 126 -19.75 11.45 3.80
C THR A 126 -18.30 11.82 4.04
N TRP A 127 -17.46 10.82 4.37
CA TRP A 127 -16.03 11.02 4.59
C TRP A 127 -15.55 11.64 3.29
N PRO A 128 -15.09 12.91 3.34
CA PRO A 128 -14.59 13.66 2.17
C PRO A 128 -13.72 12.84 1.24
N ASN A 129 -12.85 12.04 1.85
CA ASN A 129 -11.93 11.20 1.13
C ASN A 129 -12.57 10.26 0.11
N HIS A 130 -13.84 9.93 0.34
CA HIS A 130 -14.60 9.05 -0.57
C HIS A 130 -14.72 9.70 -1.94
N VAL A 131 -15.28 10.90 -1.94
CA VAL A 131 -15.48 11.67 -3.16
C VAL A 131 -14.16 11.89 -3.88
N SER A 132 -13.12 12.25 -3.12
CA SER A 132 -11.80 12.50 -3.69
C SER A 132 -11.33 11.35 -4.56
N ILE A 133 -11.42 10.13 -4.02
CA ILE A 133 -10.98 8.93 -4.72
C ILE A 133 -11.77 8.72 -6.00
N MET A 134 -13.07 8.93 -5.91
CA MET A 134 -13.98 8.77 -7.05
C MET A 134 -13.73 9.82 -8.13
N ASN A 135 -13.60 11.07 -7.72
CA ASN A 135 -13.34 12.17 -8.65
C ASN A 135 -12.03 11.87 -9.37
N PHE A 136 -11.07 11.35 -8.62
CA PHE A 136 -9.77 11.00 -9.18
C PHE A 136 -9.90 9.91 -10.22
N MET A 137 -10.77 8.94 -9.96
CA MET A 137 -10.99 7.85 -10.90
C MET A 137 -11.88 8.30 -12.05
N GLY A 138 -12.64 9.37 -11.83
CA GLY A 138 -13.54 9.87 -12.85
C GLY A 138 -14.85 9.13 -12.90
N LEU A 139 -15.29 8.61 -11.76
CA LEU A 139 -16.55 7.87 -11.67
C LEU A 139 -17.69 8.82 -11.39
N PRO A 140 -18.85 8.58 -11.99
CA PRO A 140 -20.03 9.43 -11.78
C PRO A 140 -20.42 9.32 -10.31
N VAL A 141 -20.54 10.45 -9.63
CA VAL A 141 -20.91 10.45 -8.22
C VAL A 141 -22.23 11.16 -8.00
N GLN A 142 -23.13 10.46 -7.32
CA GLN A 142 -24.45 10.96 -7.01
C GLN A 142 -24.58 10.92 -5.49
N THR A 143 -25.35 11.86 -4.97
CA THR A 143 -25.56 11.97 -3.55
C THR A 143 -26.97 11.53 -3.13
N TYR A 144 -27.10 11.08 -1.88
CA TYR A 144 -28.41 10.72 -1.34
C TYR A 144 -28.50 11.39 0.01
N ARG A 145 -29.64 11.98 0.31
CA ARG A 145 -29.84 12.68 1.58
C ARG A 145 -29.57 11.77 2.77
N TYR A 146 -29.14 12.36 3.89
CA TYR A 146 -28.82 11.57 5.06
C TYR A 146 -28.85 12.33 6.38
N PHE A 147 -28.05 13.38 6.50
CA PHE A 147 -28.00 14.13 7.75
C PHE A 147 -29.05 15.22 7.82
N ASP A 148 -29.89 15.17 8.84
CA ASP A 148 -30.90 16.19 9.01
C ASP A 148 -30.26 17.26 9.89
N ALA A 149 -29.90 18.39 9.28
CA ALA A 149 -29.27 19.50 9.99
C ALA A 149 -30.10 20.06 11.16
N GLU A 150 -31.42 19.91 11.09
CA GLU A 150 -32.31 20.41 12.13
C GLU A 150 -32.41 19.51 13.36
N THR A 151 -32.45 18.20 13.15
CA THR A 151 -32.57 17.25 14.26
C THR A 151 -31.27 16.53 14.58
N ARG A 152 -30.32 16.60 13.65
CA ARG A 152 -29.02 15.95 13.77
C ARG A 152 -29.13 14.43 13.65
N GLY A 153 -30.27 13.98 13.14
CA GLY A 153 -30.49 12.55 12.98
C GLY A 153 -30.51 12.21 11.50
N VAL A 154 -30.98 11.00 11.17
CA VAL A 154 -31.04 10.57 9.78
C VAL A 154 -32.34 10.98 9.10
N ASP A 155 -32.22 11.62 7.94
CA ASP A 155 -33.36 12.04 7.13
C ASP A 155 -33.68 10.80 6.31
N PHE A 156 -34.27 9.80 6.97
CA PHE A 156 -34.59 8.52 6.32
C PHE A 156 -35.52 8.58 5.11
N GLU A 157 -36.57 9.40 5.20
CA GLU A 157 -37.50 9.52 4.08
C GLU A 157 -36.73 9.99 2.86
N GLY A 158 -35.83 10.97 3.07
CA GLY A 158 -35.03 11.50 1.97
C GLY A 158 -34.06 10.47 1.42
N MET A 159 -33.42 9.73 2.32
CA MET A 159 -32.48 8.69 1.94
C MET A 159 -33.18 7.68 1.02
N LYS A 160 -34.35 7.20 1.44
CA LYS A 160 -35.12 6.24 0.67
C LYS A 160 -35.56 6.83 -0.67
N ALA A 161 -36.14 8.02 -0.63
CA ALA A 161 -36.60 8.68 -1.84
C ALA A 161 -35.47 8.77 -2.86
N ASP A 162 -34.30 9.24 -2.43
CA ASP A 162 -33.14 9.39 -3.32
C ASP A 162 -32.57 8.06 -3.79
N LEU A 163 -32.47 7.10 -2.87
CA LEU A 163 -31.94 5.78 -3.21
C LEU A 163 -32.80 5.05 -4.21
N ALA A 164 -34.10 5.34 -4.21
CA ALA A 164 -35.04 4.72 -5.13
C ALA A 164 -34.59 4.95 -6.58
N ALA A 165 -33.85 6.03 -6.81
CA ALA A 165 -33.35 6.37 -8.13
C ALA A 165 -32.16 5.53 -8.59
N ALA A 166 -31.65 4.67 -7.73
CA ALA A 166 -30.51 3.85 -8.11
C ALA A 166 -30.92 2.79 -9.14
N LYS A 167 -30.07 2.60 -10.14
CA LYS A 167 -30.32 1.61 -11.20
C LYS A 167 -29.56 0.33 -10.91
N LYS A 168 -29.83 -0.69 -11.72
CA LYS A 168 -29.15 -1.97 -11.58
C LYS A 168 -27.72 -1.73 -12.02
N GLY A 169 -26.76 -2.15 -11.20
CA GLY A 169 -25.37 -1.95 -11.55
C GLY A 169 -24.73 -0.77 -10.84
N ASP A 170 -25.55 0.15 -10.32
CA ASP A 170 -25.01 1.29 -9.61
C ASP A 170 -24.55 0.77 -8.26
N MET A 171 -23.68 1.53 -7.63
CA MET A 171 -23.12 1.19 -6.33
C MET A 171 -23.61 2.17 -5.29
N VAL A 172 -24.07 1.65 -4.14
CA VAL A 172 -24.54 2.51 -3.06
C VAL A 172 -23.58 2.29 -1.90
N LEU A 173 -22.93 3.36 -1.48
CA LEU A 173 -21.95 3.30 -0.41
C LEU A 173 -22.59 3.60 0.94
N LEU A 174 -22.53 2.63 1.85
CA LEU A 174 -23.10 2.79 3.19
C LEU A 174 -22.03 2.62 4.25
N HIS A 175 -22.09 3.43 5.30
CA HIS A 175 -21.16 3.28 6.41
C HIS A 175 -21.82 2.19 7.27
N GLY A 176 -21.08 1.13 7.56
CA GLY A 176 -21.63 0.06 8.36
C GLY A 176 -22.07 0.50 9.75
N CYS A 177 -21.34 1.45 10.32
CA CYS A 177 -21.67 1.98 11.65
C CYS A 177 -20.85 3.24 11.92
N CYS A 178 -21.14 3.89 13.04
CA CYS A 178 -20.43 5.10 13.47
C CYS A 178 -20.15 6.03 12.28
N HIS A 179 -21.22 6.59 11.73
CA HIS A 179 -21.10 7.46 10.58
C HIS A 179 -20.13 8.62 10.78
N ASN A 180 -19.17 8.70 9.86
CA ASN A 180 -18.15 9.75 9.84
C ASN A 180 -18.59 10.66 8.69
N PRO A 181 -18.75 11.96 8.93
CA PRO A 181 -18.54 12.74 10.16
C PRO A 181 -19.72 12.92 11.14
N THR A 182 -20.94 12.73 10.65
CA THR A 182 -22.15 12.97 11.43
C THR A 182 -22.39 12.33 12.80
N GLY A 183 -22.14 11.03 12.91
CA GLY A 183 -22.39 10.36 14.18
C GLY A 183 -23.82 9.82 14.24
N ALA A 184 -24.63 10.23 13.27
CA ALA A 184 -26.03 9.80 13.17
C ALA A 184 -26.02 8.44 12.47
N ASN A 185 -26.74 7.48 13.02
CA ASN A 185 -26.76 6.14 12.44
C ASN A 185 -28.14 5.54 12.24
N LEU A 186 -28.19 4.51 11.39
CA LEU A 186 -29.42 3.82 11.06
C LEU A 186 -29.71 2.75 12.11
N THR A 187 -30.99 2.51 12.36
CA THR A 187 -31.40 1.47 13.29
C THR A 187 -31.52 0.20 12.45
N LEU A 188 -31.50 -0.95 13.10
CA LEU A 188 -31.60 -2.22 12.38
C LEU A 188 -32.85 -2.29 11.49
N ASP A 189 -33.94 -1.67 11.95
CA ASP A 189 -35.17 -1.64 11.16
C ASP A 189 -35.02 -0.79 9.90
N GLN A 190 -34.25 0.29 9.98
CA GLN A 190 -34.00 1.14 8.82
C GLN A 190 -33.09 0.39 7.86
N TRP A 191 -32.18 -0.41 8.41
CA TRP A 191 -31.28 -1.23 7.58
C TRP A 191 -32.14 -2.21 6.79
N ALA A 192 -33.11 -2.81 7.47
CA ALA A 192 -34.03 -3.76 6.85
C ALA A 192 -34.71 -3.12 5.63
N GLU A 193 -35.24 -1.93 5.82
CA GLU A 193 -35.89 -1.21 4.72
C GLU A 193 -34.91 -0.93 3.60
N ILE A 194 -33.70 -0.49 3.95
CA ILE A 194 -32.67 -0.21 2.97
C ILE A 194 -32.40 -1.46 2.13
N ALA A 195 -32.31 -2.60 2.80
CA ALA A 195 -32.08 -3.88 2.13
C ALA A 195 -33.14 -4.09 1.04
N SER A 196 -34.41 -3.85 1.35
CA SER A 196 -35.50 -4.01 0.39
C SER A 196 -35.29 -3.12 -0.82
N ILE A 197 -34.96 -1.86 -0.58
CA ILE A 197 -34.72 -0.90 -1.64
C ILE A 197 -33.58 -1.39 -2.52
N LEU A 198 -32.55 -1.97 -1.90
CA LEU A 198 -31.41 -2.47 -2.63
C LEU A 198 -31.80 -3.67 -3.50
N GLU A 199 -32.69 -4.53 -2.98
CA GLU A 199 -33.15 -5.69 -3.73
C GLU A 199 -33.88 -5.21 -4.97
N LYS A 200 -34.86 -4.34 -4.76
CA LYS A 200 -35.67 -3.79 -5.82
C LYS A 200 -34.86 -3.18 -6.96
N THR A 201 -33.95 -2.26 -6.61
CA THR A 201 -33.12 -1.58 -7.59
C THR A 201 -32.02 -2.44 -8.22
N GLY A 202 -31.50 -3.39 -7.46
CA GLY A 202 -30.44 -4.23 -7.98
C GLY A 202 -29.08 -3.54 -7.88
N ALA A 203 -29.03 -2.49 -7.05
CA ALA A 203 -27.81 -1.74 -6.84
C ALA A 203 -26.90 -2.54 -5.91
N LEU A 204 -25.60 -2.52 -6.20
CA LEU A 204 -24.60 -3.22 -5.42
C LEU A 204 -24.18 -2.39 -4.21
N PRO A 205 -24.36 -2.94 -2.99
CA PRO A 205 -23.98 -2.19 -1.80
C PRO A 205 -22.51 -2.34 -1.42
N LEU A 206 -21.83 -1.21 -1.23
CA LEU A 206 -20.43 -1.17 -0.82
C LEU A 206 -20.47 -0.65 0.60
N ILE A 207 -20.07 -1.48 1.55
CA ILE A 207 -20.10 -1.09 2.96
C ILE A 207 -18.74 -0.69 3.53
N ASP A 208 -18.64 0.55 4.00
CA ASP A 208 -17.41 1.05 4.62
C ASP A 208 -17.47 0.77 6.12
N LEU A 209 -16.77 -0.27 6.55
CA LEU A 209 -16.74 -0.65 7.96
C LEU A 209 -15.38 -0.33 8.60
N ALA A 210 -15.25 0.89 9.12
CA ALA A 210 -14.00 1.33 9.73
C ALA A 210 -14.00 1.50 11.23
N TYR A 211 -15.18 1.46 11.85
CA TYR A 211 -15.27 1.64 13.30
C TYR A 211 -15.95 0.52 14.08
N GLN A 212 -15.84 -0.71 13.63
CA GLN A 212 -16.49 -1.81 14.34
C GLN A 212 -15.92 -1.97 15.75
N GLY A 213 -16.74 -1.66 16.74
CA GLY A 213 -16.33 -1.75 18.11
C GLY A 213 -16.44 -0.42 18.85
N PHE A 214 -16.64 0.68 18.13
CA PHE A 214 -16.75 2.01 18.74
C PHE A 214 -18.18 2.48 18.98
N GLY A 215 -19.14 1.81 18.35
CA GLY A 215 -20.54 2.16 18.50
C GLY A 215 -21.16 1.57 19.74
N ASP A 216 -21.86 0.46 19.59
CA ASP A 216 -22.51 -0.20 20.72
C ASP A 216 -21.78 -1.47 21.14
N GLY A 217 -20.86 -1.93 20.32
CA GLY A 217 -20.10 -3.14 20.62
C GLY A 217 -19.71 -3.81 19.33
N LEU A 218 -18.82 -4.79 19.40
CA LEU A 218 -18.36 -5.49 18.20
C LEU A 218 -19.46 -6.15 17.37
N GLU A 219 -20.19 -7.09 17.96
CA GLU A 219 -21.28 -7.80 17.27
C GLU A 219 -22.38 -6.84 16.87
N GLU A 220 -22.75 -5.98 17.80
CA GLU A 220 -23.80 -5.00 17.59
C GLU A 220 -23.51 -4.08 16.40
N ASP A 221 -22.25 -3.64 16.28
CA ASP A 221 -21.83 -2.77 15.19
C ASP A 221 -21.85 -3.43 13.82
N ALA A 222 -21.78 -4.75 13.79
CA ALA A 222 -21.80 -5.51 12.54
C ALA A 222 -23.22 -5.95 12.15
N ALA A 223 -24.19 -5.64 13.01
CA ALA A 223 -25.57 -6.01 12.79
C ALA A 223 -26.10 -5.59 11.41
N GLY A 224 -26.04 -4.29 11.12
CA GLY A 224 -26.51 -3.79 9.83
C GLY A 224 -25.82 -4.41 8.64
N THR A 225 -24.52 -4.66 8.78
CA THR A 225 -23.72 -5.24 7.73
C THR A 225 -24.15 -6.69 7.48
N ARG A 226 -24.38 -7.42 8.56
CA ARG A 226 -24.80 -8.82 8.49
C ARG A 226 -26.19 -9.00 7.90
N LEU A 227 -27.05 -8.00 8.09
CA LEU A 227 -28.40 -8.06 7.54
C LEU A 227 -28.29 -7.94 6.02
N ILE A 228 -27.52 -6.97 5.56
CA ILE A 228 -27.30 -6.75 4.14
C ILE A 228 -26.73 -8.01 3.47
N ALA A 229 -25.76 -8.63 4.14
CA ALA A 229 -25.11 -9.84 3.64
C ALA A 229 -26.08 -11.02 3.50
N SER A 230 -27.13 -11.02 4.32
CA SER A 230 -28.14 -12.08 4.28
C SER A 230 -29.17 -11.87 3.17
N ARG A 231 -29.61 -10.63 3.00
CA ARG A 231 -30.63 -10.31 2.00
C ARG A 231 -30.12 -10.16 0.56
N ILE A 232 -28.95 -9.53 0.42
CA ILE A 232 -28.37 -9.28 -0.90
C ILE A 232 -27.30 -10.33 -1.24
N PRO A 233 -27.32 -10.85 -2.48
CA PRO A 233 -26.36 -11.86 -2.94
C PRO A 233 -24.94 -11.35 -3.19
N GLU A 234 -24.79 -10.13 -3.71
CA GLU A 234 -23.47 -9.56 -3.98
C GLU A 234 -23.26 -8.37 -3.07
N VAL A 235 -22.25 -8.44 -2.22
CA VAL A 235 -21.95 -7.36 -1.28
C VAL A 235 -20.44 -7.15 -1.20
N LEU A 236 -20.03 -5.88 -1.17
CA LEU A 236 -18.61 -5.53 -1.09
C LEU A 236 -18.39 -4.85 0.26
N ILE A 237 -17.47 -5.36 1.06
CA ILE A 237 -17.20 -4.77 2.38
C ILE A 237 -15.74 -4.29 2.53
N ALA A 238 -15.57 -3.01 2.78
CA ALA A 238 -14.23 -2.42 2.98
C ALA A 238 -13.98 -2.23 4.47
N ALA A 239 -13.19 -3.13 5.06
CA ALA A 239 -12.90 -3.07 6.50
C ALA A 239 -11.55 -2.44 6.85
N SER A 240 -11.49 -1.80 8.01
CA SER A 240 -10.28 -1.15 8.50
C SER A 240 -9.93 -1.63 9.90
N CYS A 241 -8.63 -1.84 10.13
CA CYS A 241 -8.14 -2.27 11.44
C CYS A 241 -7.41 -1.14 12.14
N SER A 242 -7.27 -0.02 11.44
CA SER A 242 -6.59 1.16 11.95
C SER A 242 -7.06 1.64 13.32
N LYS A 243 -8.37 1.88 13.45
CA LYS A 243 -8.92 2.40 14.70
C LYS A 243 -9.24 1.40 15.80
N ASN A 244 -10.03 0.36 15.50
CA ASN A 244 -10.38 -0.62 16.53
C ASN A 244 -9.22 -1.48 17.01
N PHE A 245 -8.09 -1.41 16.31
CA PHE A 245 -6.88 -2.13 16.70
C PHE A 245 -5.79 -1.13 17.06
N GLY A 246 -6.02 0.14 16.73
CA GLY A 246 -5.05 1.17 17.04
C GLY A 246 -3.73 1.03 16.30
N ILE A 247 -3.78 0.53 15.08
CA ILE A 247 -2.58 0.34 14.27
C ILE A 247 -2.69 1.19 12.99
N TYR A 248 -3.06 2.45 13.18
CA TYR A 248 -3.26 3.39 12.09
C TYR A 248 -2.17 3.37 11.02
N ARG A 249 -0.92 3.57 11.45
CA ARG A 249 0.24 3.63 10.55
C ARG A 249 0.68 2.31 9.90
N GLU A 250 0.27 1.19 10.46
CA GLU A 250 0.66 -0.10 9.88
C GLU A 250 -0.05 -0.36 8.55
N ARG A 251 -1.18 0.31 8.33
CA ARG A 251 -1.99 0.18 7.11
C ARG A 251 -2.59 -1.20 6.91
N THR A 252 -3.54 -1.55 7.78
CA THR A 252 -4.19 -2.86 7.72
C THR A 252 -5.70 -2.75 7.43
N GLY A 253 -6.10 -3.28 6.27
CA GLY A 253 -7.49 -3.25 5.86
C GLY A 253 -7.89 -4.57 5.21
N CYS A 254 -9.14 -4.67 4.78
CA CYS A 254 -9.64 -5.91 4.20
C CYS A 254 -10.83 -5.68 3.24
N LEU A 255 -10.80 -6.32 2.07
CA LEU A 255 -11.88 -6.19 1.09
C LEU A 255 -12.53 -7.56 0.95
N LEU A 256 -13.81 -7.63 1.31
CA LEU A 256 -14.57 -8.87 1.23
C LEU A 256 -15.58 -8.77 0.09
N ALA A 257 -15.52 -9.71 -0.83
CA ALA A 257 -16.45 -9.75 -1.95
C ALA A 257 -17.40 -10.94 -1.73
N LEU A 258 -18.63 -10.63 -1.35
CA LEU A 258 -19.64 -11.67 -1.13
C LEU A 258 -20.28 -11.89 -2.50
N CYS A 259 -20.20 -13.12 -2.99
CA CYS A 259 -20.73 -13.46 -4.31
C CYS A 259 -21.92 -14.41 -4.27
N ALA A 260 -22.69 -14.43 -5.36
CA ALA A 260 -23.86 -15.30 -5.49
C ALA A 260 -23.51 -16.79 -5.70
N ASP A 261 -22.30 -17.08 -6.13
CA ASP A 261 -21.89 -18.46 -6.38
C ASP A 261 -20.38 -18.63 -6.38
N ALA A 262 -19.95 -19.88 -6.19
CA ALA A 262 -18.53 -20.23 -6.15
C ALA A 262 -17.74 -19.83 -7.40
N ALA A 263 -18.34 -20.03 -8.57
CA ALA A 263 -17.69 -19.68 -9.83
C ALA A 263 -17.39 -18.19 -9.86
N THR A 264 -18.35 -17.38 -9.41
CA THR A 264 -18.21 -15.93 -9.38
C THR A 264 -17.20 -15.53 -8.31
N ARG A 265 -17.08 -16.33 -7.27
CA ARG A 265 -16.13 -16.06 -6.20
C ARG A 265 -14.71 -16.23 -6.74
N GLU A 266 -14.50 -17.27 -7.55
CA GLU A 266 -13.19 -17.52 -8.14
C GLU A 266 -12.77 -16.36 -9.02
N LEU A 267 -13.71 -15.84 -9.79
CA LEU A 267 -13.45 -14.70 -10.67
C LEU A 267 -13.09 -13.46 -9.85
N ALA A 268 -13.87 -13.21 -8.80
CA ALA A 268 -13.64 -12.05 -7.93
C ALA A 268 -12.29 -12.17 -7.23
N GLN A 269 -11.98 -13.35 -6.71
CA GLN A 269 -10.72 -13.58 -6.02
C GLN A 269 -9.53 -13.39 -6.94
N GLY A 270 -9.65 -13.88 -8.16
CA GLY A 270 -8.58 -13.74 -9.12
C GLY A 270 -8.38 -12.30 -9.50
N ALA A 271 -9.47 -11.59 -9.77
CA ALA A 271 -9.42 -10.18 -10.15
C ALA A 271 -8.87 -9.30 -9.02
N MET A 272 -9.10 -9.71 -7.78
CA MET A 272 -8.62 -8.97 -6.62
C MET A 272 -7.11 -9.16 -6.49
N ALA A 273 -6.66 -10.41 -6.58
CA ALA A 273 -5.22 -10.71 -6.48
C ALA A 273 -4.48 -9.95 -7.59
N PHE A 274 -5.10 -9.92 -8.77
CA PHE A 274 -4.56 -9.23 -9.93
C PHE A 274 -4.45 -7.73 -9.63
N LEU A 275 -5.48 -7.17 -9.00
CA LEU A 275 -5.50 -5.74 -8.65
C LEU A 275 -4.39 -5.38 -7.66
N ASN A 276 -4.18 -6.22 -6.65
CA ASN A 276 -3.09 -5.99 -5.69
C ASN A 276 -1.77 -6.01 -6.45
N ARG A 277 -1.63 -7.00 -7.33
CA ARG A 277 -0.43 -7.19 -8.14
C ARG A 277 -0.09 -5.99 -9.03
N GLN A 278 -1.10 -5.39 -9.64
CA GLN A 278 -0.89 -4.25 -10.54
C GLN A 278 -0.72 -2.91 -9.82
N THR A 279 -0.82 -2.92 -8.49
CA THR A 279 -0.67 -1.70 -7.74
C THR A 279 0.62 -1.67 -6.93
N TYR A 280 0.91 -2.77 -6.25
CA TYR A 280 2.10 -2.87 -5.40
C TYR A 280 2.54 -4.30 -5.15
N SER A 281 2.12 -5.21 -6.03
CA SER A 281 2.45 -6.63 -5.89
C SER A 281 1.86 -7.31 -4.67
N PHE A 282 2.49 -7.12 -3.51
CA PHE A 282 2.04 -7.76 -2.27
C PHE A 282 1.61 -6.73 -1.25
N PRO A 283 0.62 -7.09 -0.40
CA PRO A 283 0.14 -6.17 0.63
C PRO A 283 1.04 -6.22 1.88
N PRO A 284 0.99 -5.17 2.72
CA PRO A 284 1.78 -5.07 3.95
C PRO A 284 1.46 -6.21 4.90
N PHE A 285 2.50 -6.91 5.36
CA PHE A 285 2.37 -8.05 6.26
C PHE A 285 2.29 -7.77 7.77
N HIS A 286 3.17 -6.91 8.27
CA HIS A 286 3.23 -6.66 9.71
C HIS A 286 1.94 -6.42 10.49
N GLY A 287 1.13 -5.46 10.07
CA GLY A 287 -0.11 -5.14 10.76
C GLY A 287 -1.15 -6.23 10.69
N ALA A 288 -1.22 -6.89 9.53
CA ALA A 288 -2.17 -7.97 9.32
C ALA A 288 -1.81 -9.11 10.25
N LYS A 289 -0.51 -9.40 10.36
CA LYS A 289 -0.07 -10.47 11.24
C LYS A 289 -0.35 -10.15 12.70
N ILE A 290 -0.33 -8.87 13.05
CA ILE A 290 -0.63 -8.50 14.43
C ILE A 290 -2.10 -8.85 14.66
N VAL A 291 -2.94 -8.44 13.72
CA VAL A 291 -4.38 -8.69 13.80
C VAL A 291 -4.71 -10.19 13.94
N SER A 292 -4.26 -11.00 13.00
CA SER A 292 -4.54 -12.43 13.06
C SER A 292 -4.01 -13.10 14.32
N THR A 293 -2.94 -12.55 14.90
CA THR A 293 -2.37 -13.11 16.11
C THR A 293 -3.25 -12.79 17.31
N VAL A 294 -3.72 -11.55 17.39
CA VAL A 294 -4.59 -11.15 18.50
C VAL A 294 -5.91 -11.93 18.46
N LEU A 295 -6.46 -12.05 17.25
CA LEU A 295 -7.73 -12.75 17.03
C LEU A 295 -7.68 -14.26 17.21
N THR A 296 -6.59 -14.90 16.81
CA THR A 296 -6.48 -16.35 16.91
C THR A 296 -6.02 -16.83 18.29
N THR A 297 -5.42 -15.94 19.07
CA THR A 297 -4.93 -16.26 20.40
C THR A 297 -5.96 -15.85 21.45
N PRO A 298 -6.64 -16.83 22.06
CA PRO A 298 -7.68 -16.64 23.07
C PRO A 298 -7.36 -15.56 24.09
N GLU A 299 -6.21 -15.72 24.76
CA GLU A 299 -5.77 -14.78 25.79
C GLU A 299 -5.69 -13.34 25.26
N LEU A 300 -5.16 -13.19 24.06
CA LEU A 300 -5.01 -11.89 23.43
C LEU A 300 -6.34 -11.28 23.01
N ARG A 301 -7.12 -12.03 22.24
CA ARG A 301 -8.43 -11.57 21.77
C ARG A 301 -9.24 -11.06 22.95
N ALA A 302 -9.16 -11.78 24.06
CA ALA A 302 -9.88 -11.42 25.27
C ALA A 302 -9.46 -10.04 25.75
N ASP A 303 -8.15 -9.84 25.91
CA ASP A 303 -7.63 -8.56 26.37
C ASP A 303 -7.95 -7.43 25.41
N TRP A 304 -7.99 -7.75 24.12
CA TRP A 304 -8.29 -6.76 23.08
C TRP A 304 -9.73 -6.28 23.20
N MET A 305 -10.67 -7.23 23.18
CA MET A 305 -12.08 -6.89 23.28
C MET A 305 -12.32 -6.11 24.57
N ALA A 306 -11.63 -6.50 25.64
CA ALA A 306 -11.75 -5.82 26.92
C ALA A 306 -11.31 -4.35 26.82
N GLU A 307 -10.16 -4.12 26.18
CA GLU A 307 -9.63 -2.77 26.03
C GLU A 307 -10.50 -1.92 25.11
N LEU A 308 -10.98 -2.52 24.03
CA LEU A 308 -11.84 -1.79 23.11
C LEU A 308 -13.13 -1.39 23.82
N GLU A 309 -13.72 -2.34 24.56
CA GLU A 309 -14.96 -2.08 25.28
C GLU A 309 -14.84 -0.90 26.26
N ALA A 310 -13.71 -0.84 26.97
CA ALA A 310 -13.46 0.23 27.92
C ALA A 310 -13.41 1.57 27.19
N VAL A 311 -12.76 1.58 26.03
CA VAL A 311 -12.67 2.81 25.24
C VAL A 311 -14.08 3.24 24.81
N ARG A 312 -14.85 2.30 24.28
CA ARG A 312 -16.22 2.53 23.84
C ARG A 312 -17.08 3.14 24.96
N SER A 313 -17.06 2.49 26.12
CA SER A 313 -17.80 2.94 27.28
C SER A 313 -17.33 4.31 27.75
N GLY A 314 -16.02 4.54 27.67
CA GLY A 314 -15.47 5.82 28.07
C GLY A 314 -16.05 6.94 27.22
N MET A 315 -16.09 6.72 25.90
CA MET A 315 -16.64 7.73 25.01
C MET A 315 -18.13 7.91 25.23
N LEU A 316 -18.84 6.83 25.52
CA LEU A 316 -20.28 6.92 25.77
C LEU A 316 -20.52 7.78 27.02
N ARG A 317 -19.71 7.58 28.05
CA ARG A 317 -19.84 8.38 29.27
C ARG A 317 -19.56 9.84 28.96
N LEU A 318 -18.61 10.08 28.05
CA LEU A 318 -18.27 11.44 27.64
C LEU A 318 -19.48 12.10 27.01
N ARG A 319 -20.11 11.41 26.08
CA ARG A 319 -21.30 11.93 25.38
C ARG A 319 -22.40 12.26 26.38
N GLU A 320 -22.64 11.36 27.33
CA GLU A 320 -23.65 11.57 28.35
C GLU A 320 -23.38 12.86 29.12
N GLN A 321 -22.16 12.99 29.63
CA GLN A 321 -21.79 14.19 30.37
C GLN A 321 -22.05 15.46 29.58
N LEU A 322 -21.58 15.49 28.33
CA LEU A 322 -21.78 16.67 27.49
C LEU A 322 -23.26 16.95 27.32
N ALA A 323 -24.03 15.94 26.93
CA ALA A 323 -25.46 16.12 26.74
C ALA A 323 -26.08 16.70 28.02
N GLY A 324 -25.64 16.18 29.16
CA GLY A 324 -26.14 16.65 30.45
C GLY A 324 -25.79 18.10 30.72
N GLU A 325 -24.52 18.44 30.52
CA GLU A 325 -24.03 19.80 30.74
C GLU A 325 -24.88 20.75 29.88
N LEU A 326 -25.08 20.38 28.62
CA LEU A 326 -25.87 21.17 27.68
C LEU A 326 -27.34 21.28 28.06
N ARG A 327 -27.87 20.23 28.67
CA ARG A 327 -29.27 20.22 29.11
C ARG A 327 -29.46 21.21 30.24
N ASP A 328 -28.56 21.20 31.21
CA ASP A 328 -28.63 22.12 32.35
C ASP A 328 -28.51 23.57 31.92
N LEU A 329 -27.59 23.83 31.01
CA LEU A 329 -27.36 25.18 30.51
C LEU A 329 -28.47 25.70 29.60
N SER A 330 -28.95 24.86 28.70
CA SER A 330 -29.98 25.28 27.76
C SER A 330 -31.40 25.27 28.31
N GLY A 331 -31.62 24.48 29.35
CA GLY A 331 -32.95 24.39 29.92
C GLY A 331 -33.86 23.63 28.97
N SER A 332 -33.25 22.88 28.06
CA SER A 332 -33.98 22.09 27.08
C SER A 332 -33.22 20.83 26.71
N ASP A 333 -33.80 20.03 25.83
CA ASP A 333 -33.15 18.79 25.40
C ASP A 333 -32.84 18.79 23.91
N ARG A 334 -32.63 19.97 23.34
CA ARG A 334 -32.30 20.11 21.91
C ARG A 334 -31.03 19.35 21.53
N PHE A 335 -30.05 19.42 22.42
CA PHE A 335 -28.76 18.77 22.21
C PHE A 335 -28.73 17.30 22.60
N GLY A 336 -29.90 16.73 22.85
CA GLY A 336 -29.99 15.34 23.25
C GLY A 336 -29.35 14.36 22.26
N PHE A 337 -29.31 14.75 21.00
CA PHE A 337 -28.71 13.93 19.96
C PHE A 337 -27.27 13.56 20.29
N VAL A 338 -26.57 14.41 21.04
CA VAL A 338 -25.18 14.17 21.41
C VAL A 338 -25.01 12.82 22.10
N ALA A 339 -26.02 12.42 22.87
CA ALA A 339 -26.01 11.15 23.59
C ALA A 339 -26.57 10.02 22.74
N GLU A 340 -27.30 10.38 21.69
CA GLU A 340 -27.88 9.37 20.79
C GLU A 340 -26.89 8.96 19.72
N HIS A 341 -26.06 9.90 19.28
CA HIS A 341 -25.05 9.63 18.27
C HIS A 341 -24.10 8.56 18.78
N ARG A 342 -23.49 7.82 17.86
CA ARG A 342 -22.53 6.78 18.23
C ARG A 342 -21.28 6.96 17.37
N GLY A 343 -20.15 6.54 17.90
CA GLY A 343 -18.89 6.69 17.19
C GLY A 343 -18.08 7.76 17.88
N MET A 344 -16.90 8.07 17.36
CA MET A 344 -16.11 9.12 17.99
C MET A 344 -16.37 10.52 17.45
N PHE A 345 -17.13 10.62 16.37
CA PHE A 345 -17.43 11.91 15.76
C PHE A 345 -18.88 12.30 15.88
N SER A 346 -19.11 13.61 15.91
CA SER A 346 -20.45 14.17 15.99
C SER A 346 -20.47 15.52 15.33
N ARG A 347 -21.40 15.73 14.40
CA ARG A 347 -21.53 17.02 13.76
C ARG A 347 -22.61 17.72 14.58
N LEU A 348 -22.28 18.89 15.13
CA LEU A 348 -23.19 19.65 15.97
C LEU A 348 -24.28 20.44 15.24
N GLY A 349 -24.07 20.72 13.96
CA GLY A 349 -25.05 21.48 13.21
C GLY A 349 -24.81 22.99 13.27
N ALA A 350 -23.59 23.40 13.59
CA ALA A 350 -23.24 24.82 13.65
C ALA A 350 -22.73 25.25 12.29
N THR A 351 -23.10 26.44 11.85
CA THR A 351 -22.68 26.96 10.55
C THR A 351 -21.20 27.37 10.61
N PRO A 352 -20.56 27.60 9.45
CA PRO A 352 -19.15 27.99 9.45
C PRO A 352 -18.93 29.26 10.27
N GLU A 353 -19.90 30.17 10.22
CA GLU A 353 -19.84 31.43 10.96
C GLU A 353 -19.76 31.16 12.45
N GLN A 354 -20.60 30.24 12.93
CA GLN A 354 -20.63 29.87 14.35
C GLN A 354 -19.36 29.13 14.72
N VAL A 355 -18.85 28.32 13.79
CA VAL A 355 -17.63 27.56 14.03
C VAL A 355 -16.47 28.55 14.24
N LYS A 356 -16.49 29.64 13.47
CA LYS A 356 -15.45 30.66 13.58
C LYS A 356 -15.58 31.45 14.88
N ARG A 357 -16.81 31.77 15.27
CA ARG A 357 -17.05 32.49 16.52
C ARG A 357 -16.58 31.66 17.70
N ILE A 358 -16.79 30.35 17.63
CA ILE A 358 -16.38 29.44 18.69
C ILE A 358 -14.86 29.45 18.87
N LYS A 359 -14.12 29.36 17.76
CA LYS A 359 -12.66 29.37 17.79
C LYS A 359 -12.11 30.72 18.30
N GLU A 360 -12.56 31.80 17.68
CA GLU A 360 -12.12 33.15 18.05
C GLU A 360 -12.49 33.55 19.48
N GLU A 361 -13.72 33.28 19.90
CA GLU A 361 -14.14 33.66 21.25
C GLU A 361 -13.75 32.67 22.33
N PHE A 362 -13.72 31.38 22.00
CA PHE A 362 -13.41 30.36 23.00
C PHE A 362 -12.14 29.53 22.79
N GLY A 363 -11.44 29.76 21.68
CA GLY A 363 -10.22 29.01 21.43
C GLY A 363 -10.43 27.52 21.19
N ILE A 364 -11.66 27.14 20.88
CA ILE A 364 -11.97 25.74 20.62
C ILE A 364 -11.94 25.50 19.12
N TYR A 365 -11.14 24.55 18.68
CA TYR A 365 -11.02 24.22 17.28
C TYR A 365 -11.74 22.93 16.94
N MET A 366 -12.39 22.91 15.78
CA MET A 366 -13.12 21.76 15.30
C MET A 366 -13.11 21.89 13.78
N VAL A 367 -13.55 20.84 13.08
CA VAL A 367 -13.59 20.88 11.63
C VAL A 367 -14.66 21.89 11.23
N GLY A 368 -14.45 22.53 10.08
CA GLY A 368 -15.36 23.56 9.59
C GLY A 368 -16.83 23.19 9.44
N ASP A 369 -17.14 21.90 9.44
CA ASP A 369 -18.52 21.45 9.30
C ASP A 369 -19.12 21.17 10.68
N SER A 370 -18.45 21.66 11.71
CA SER A 370 -18.84 21.48 13.11
C SER A 370 -18.75 20.02 13.60
N ARG A 371 -17.80 19.28 13.04
CA ARG A 371 -17.58 17.89 13.43
C ARG A 371 -16.59 17.91 14.59
N ILE A 372 -16.93 17.24 15.68
CA ILE A 372 -16.05 17.21 16.84
C ILE A 372 -15.65 15.79 17.16
N ASN A 373 -14.52 15.64 17.85
CA ASN A 373 -14.03 14.33 18.25
C ASN A 373 -14.33 14.21 19.73
N ILE A 374 -15.24 13.30 20.06
CA ILE A 374 -15.65 13.07 21.44
C ILE A 374 -14.48 12.70 22.34
N ALA A 375 -13.53 11.92 21.81
CA ALA A 375 -12.36 11.49 22.56
C ALA A 375 -11.54 12.66 23.06
N GLY A 376 -11.67 13.80 22.40
CA GLY A 376 -10.93 14.99 22.80
C GLY A 376 -11.55 15.73 23.97
N LEU A 377 -12.73 15.30 24.39
CA LEU A 377 -13.42 15.91 25.51
C LEU A 377 -12.95 15.27 26.81
N ASN A 378 -13.18 15.97 27.92
CA ASN A 378 -12.81 15.49 29.24
C ASN A 378 -13.53 16.36 30.25
N ASP A 379 -13.45 15.97 31.53
CA ASP A 379 -14.12 16.69 32.62
C ASP A 379 -13.82 18.17 32.69
N ASN A 380 -12.65 18.58 32.20
CA ASN A 380 -12.27 19.98 32.21
C ASN A 380 -12.73 20.72 30.97
N THR A 381 -12.68 20.06 29.82
CA THR A 381 -13.09 20.71 28.57
C THR A 381 -14.61 20.73 28.32
N ILE A 382 -15.32 19.71 28.78
CA ILE A 382 -16.77 19.64 28.58
C ILE A 382 -17.53 20.92 28.97
N PRO A 383 -17.32 21.42 30.21
CA PRO A 383 -18.02 22.64 30.62
C PRO A 383 -17.76 23.81 29.69
N ILE A 384 -16.57 23.84 29.11
CA ILE A 384 -16.19 24.92 28.20
C ILE A 384 -16.93 24.82 26.86
N LEU A 385 -16.89 23.64 26.25
CA LEU A 385 -17.57 23.42 24.97
C LEU A 385 -19.07 23.70 25.10
N ALA A 386 -19.67 23.22 26.18
CA ALA A 386 -21.08 23.44 26.44
C ALA A 386 -21.37 24.94 26.48
N ARG A 387 -20.61 25.66 27.28
CA ARG A 387 -20.76 27.11 27.40
C ARG A 387 -20.63 27.78 26.03
N ALA A 388 -19.63 27.38 25.26
CA ALA A 388 -19.37 27.93 23.94
C ALA A 388 -20.54 27.77 22.97
N ILE A 389 -20.98 26.53 22.79
CA ILE A 389 -22.09 26.20 21.90
C ILE A 389 -23.32 27.09 22.16
N ILE A 390 -23.71 27.18 23.42
CA ILE A 390 -24.86 27.97 23.82
C ILE A 390 -24.65 29.48 23.66
N GLU A 391 -23.45 29.95 24.00
CA GLU A 391 -23.17 31.37 23.89
C GLU A 391 -23.12 31.87 22.45
N VAL A 392 -22.83 30.97 21.52
CA VAL A 392 -22.77 31.34 20.11
C VAL A 392 -24.16 31.21 19.44
N GLY A 393 -25.14 30.79 20.23
CA GLY A 393 -26.49 30.65 19.72
C GLY A 393 -26.68 29.55 18.70
N VAL A 394 -26.17 28.37 19.03
CA VAL A 394 -26.30 27.21 18.16
C VAL A 394 -27.61 26.52 18.56
N MET B 1 -23.52 -8.55 -10.98
CA MET B 1 -22.49 -7.64 -11.58
C MET B 1 -21.13 -8.33 -11.63
N LEU B 2 -20.64 -8.77 -10.47
CA LEU B 2 -19.34 -9.42 -10.37
C LEU B 2 -19.15 -10.63 -11.27
N GLY B 3 -20.25 -11.13 -11.85
CA GLY B 3 -20.15 -12.28 -12.74
C GLY B 3 -19.58 -11.89 -14.09
N ASN B 4 -19.46 -10.60 -14.33
CA ASN B 4 -18.92 -10.09 -15.59
C ASN B 4 -17.40 -10.04 -15.58
N LEU B 5 -16.79 -10.31 -14.43
CA LEU B 5 -15.34 -10.28 -14.30
C LEU B 5 -14.69 -11.32 -15.21
N LYS B 6 -13.89 -10.83 -16.15
CA LYS B 6 -13.18 -11.70 -17.08
C LYS B 6 -12.02 -12.36 -16.34
N PRO B 7 -11.62 -13.56 -16.76
CA PRO B 7 -10.51 -14.23 -16.08
C PRO B 7 -9.19 -13.53 -16.46
N GLN B 8 -8.38 -13.18 -15.46
CA GLN B 8 -7.11 -12.50 -15.70
C GLN B 8 -5.92 -13.44 -15.75
N ALA B 9 -4.84 -12.96 -16.39
CA ALA B 9 -3.61 -13.75 -16.51
C ALA B 9 -2.79 -13.69 -15.22
N PRO B 10 -2.26 -14.84 -14.77
CA PRO B 10 -1.45 -14.89 -13.54
C PRO B 10 0.00 -14.50 -13.81
N ASP B 11 0.82 -14.45 -12.75
CA ASP B 11 2.21 -14.10 -12.92
C ASP B 11 3.04 -15.37 -13.14
N LYS B 12 3.88 -15.34 -14.17
CA LYS B 12 4.75 -16.46 -14.52
C LYS B 12 5.68 -16.92 -13.41
N ILE B 13 6.48 -15.98 -12.88
CA ILE B 13 7.44 -16.29 -11.83
C ILE B 13 6.76 -16.85 -10.59
N LEU B 14 5.66 -16.22 -10.19
CA LEU B 14 4.93 -16.66 -9.00
C LEU B 14 4.22 -17.99 -9.26
N ALA B 15 3.82 -18.23 -10.51
CA ALA B 15 3.13 -19.46 -10.89
C ALA B 15 4.06 -20.64 -10.61
N LEU B 16 5.35 -20.48 -10.93
CA LEU B 16 6.33 -21.53 -10.70
C LEU B 16 6.30 -22.01 -9.26
N MET B 17 6.46 -21.07 -8.32
CA MET B 17 6.47 -21.38 -6.89
C MET B 17 5.27 -22.25 -6.51
N GLY B 18 4.15 -22.02 -7.18
CA GLY B 18 2.95 -22.80 -6.92
C GLY B 18 3.15 -24.20 -7.46
N GLU B 19 3.71 -24.29 -8.66
CA GLU B 19 4.00 -25.57 -9.31
C GLU B 19 5.31 -26.12 -8.74
N PHE B 20 5.46 -26.02 -7.42
CA PHE B 20 6.65 -26.48 -6.74
C PHE B 20 6.28 -26.79 -5.29
N GLY B 27 13.74 -34.37 -4.38
CA GLY B 27 14.93 -33.70 -4.88
C GLY B 27 14.63 -32.50 -5.75
N LYS B 28 13.55 -31.79 -5.43
CA LYS B 28 13.15 -30.60 -6.17
C LYS B 28 14.19 -29.50 -5.99
N ILE B 29 14.49 -28.77 -7.05
CA ILE B 29 15.44 -27.67 -6.99
C ILE B 29 14.78 -26.37 -7.48
N ASP B 30 14.53 -25.44 -6.57
CA ASP B 30 13.90 -24.18 -6.93
C ASP B 30 14.93 -23.12 -7.35
N LEU B 31 14.79 -22.65 -8.57
CA LEU B 31 15.67 -21.63 -9.13
C LEU B 31 14.80 -20.58 -9.80
N GLY B 32 13.61 -20.36 -9.24
CA GLY B 32 12.67 -19.40 -9.82
C GLY B 32 12.63 -18.01 -9.23
N VAL B 33 11.68 -17.79 -8.33
CA VAL B 33 11.47 -16.50 -7.67
C VAL B 33 12.75 -15.83 -7.19
N GLY B 34 12.89 -14.56 -7.53
CA GLY B 34 14.06 -13.78 -7.17
C GLY B 34 14.19 -13.36 -5.73
N VAL B 35 14.52 -14.32 -4.88
CA VAL B 35 14.71 -14.07 -3.46
C VAL B 35 16.06 -14.69 -3.11
N TYR B 36 16.74 -14.11 -2.14
CA TYR B 36 18.02 -14.65 -1.73
C TYR B 36 17.81 -15.80 -0.75
N LYS B 37 18.54 -16.89 -0.97
CA LYS B 37 18.48 -18.06 -0.12
C LYS B 37 19.89 -18.46 0.31
N ASP B 38 20.05 -18.89 1.55
CA ASP B 38 21.37 -19.31 2.03
C ASP B 38 21.64 -20.79 1.74
N ALA B 39 22.78 -21.28 2.20
CA ALA B 39 23.19 -22.67 2.00
C ALA B 39 22.11 -23.69 2.35
N THR B 40 21.35 -23.41 3.41
CA THR B 40 20.31 -24.33 3.85
C THR B 40 18.93 -24.04 3.26
N GLY B 41 18.90 -23.41 2.09
CA GLY B 41 17.65 -23.10 1.42
C GLY B 41 16.71 -22.20 2.21
N HIS B 42 17.27 -21.29 2.99
CA HIS B 42 16.45 -20.39 3.79
C HIS B 42 16.71 -18.93 3.46
N THR B 43 15.68 -18.10 3.59
CA THR B 43 15.76 -16.66 3.35
C THR B 43 15.76 -16.08 4.75
N PRO B 44 16.96 -15.85 5.32
CA PRO B 44 17.12 -15.30 6.67
C PRO B 44 16.73 -13.85 6.85
N ILE B 45 16.63 -13.44 8.11
CA ILE B 45 16.31 -12.07 8.46
C ILE B 45 17.67 -11.51 8.84
N MET B 46 18.07 -10.43 8.19
CA MET B 46 19.38 -9.82 8.45
C MET B 46 19.56 -9.36 9.90
N ARG B 47 20.71 -9.69 10.47
CA ARG B 47 21.04 -9.33 11.86
C ARG B 47 20.61 -7.93 12.27
N ALA B 48 20.98 -6.93 11.48
CA ALA B 48 20.64 -5.54 11.76
C ALA B 48 19.12 -5.31 11.74
N VAL B 49 18.44 -5.96 10.79
CA VAL B 49 16.99 -5.80 10.69
C VAL B 49 16.33 -6.33 11.96
N HIS B 50 16.79 -7.50 12.43
CA HIS B 50 16.24 -8.10 13.64
C HIS B 50 16.51 -7.19 14.85
N ALA B 51 17.71 -6.61 14.89
CA ALA B 51 18.12 -5.73 15.98
C ALA B 51 17.29 -4.44 15.93
N ALA B 52 16.97 -3.99 14.71
CA ALA B 52 16.17 -2.78 14.51
C ALA B 52 14.76 -2.97 15.06
N GLU B 53 14.10 -4.05 14.66
CA GLU B 53 12.74 -4.36 15.11
C GLU B 53 12.69 -4.46 16.63
N GLN B 54 13.71 -5.09 17.19
CA GLN B 54 13.83 -5.30 18.62
C GLN B 54 13.83 -3.96 19.35
N ARG B 55 14.63 -3.01 18.84
CA ARG B 55 14.71 -1.69 19.43
C ARG B 55 13.44 -0.89 19.19
N MET B 56 12.84 -1.05 18.01
CA MET B 56 11.60 -0.36 17.67
C MET B 56 10.50 -0.73 18.66
N LEU B 57 10.35 -2.03 18.92
CA LEU B 57 9.34 -2.55 19.83
C LEU B 57 9.44 -1.96 21.23
N GLU B 58 10.56 -1.33 21.51
CA GLU B 58 10.82 -0.74 22.81
C GLU B 58 10.72 0.79 22.83
N THR B 59 10.95 1.43 21.69
CA THR B 59 10.92 2.88 21.62
C THR B 59 9.61 3.50 21.11
N GLU B 60 8.88 2.77 20.29
CA GLU B 60 7.62 3.30 19.76
C GLU B 60 6.54 3.33 20.82
N THR B 61 5.95 4.51 21.02
CA THR B 61 4.89 4.73 22.00
C THR B 61 3.50 4.85 21.38
N THR B 62 3.43 5.02 20.06
CA THR B 62 2.15 5.17 19.39
C THR B 62 2.22 4.68 17.95
N LYS B 63 1.05 4.44 17.38
CA LYS B 63 0.95 3.98 15.99
C LYS B 63 -0.01 4.87 15.20
N THR B 64 -0.20 6.10 15.68
CA THR B 64 -1.07 7.08 15.04
C THR B 64 -0.67 7.29 13.59
N TYR B 65 -1.48 8.04 12.85
CA TYR B 65 -1.17 8.32 11.46
C TYR B 65 0.10 9.14 11.39
N ALA B 66 0.97 8.78 10.45
CA ALA B 66 2.24 9.44 10.27
C ALA B 66 2.23 10.33 9.02
N GLY B 67 3.36 10.38 8.30
CA GLY B 67 3.44 11.20 7.12
C GLY B 67 2.87 10.57 5.86
N LEU B 68 2.23 11.39 5.04
CA LEU B 68 1.63 10.92 3.79
C LEU B 68 2.68 10.52 2.74
N SER B 69 3.85 11.13 2.80
CA SER B 69 4.93 10.83 1.85
C SER B 69 6.04 10.00 2.51
N GLY B 70 5.74 9.45 3.68
CA GLY B 70 6.73 8.67 4.41
C GLY B 70 7.36 9.57 5.45
N GLU B 71 8.25 9.00 6.25
CA GLU B 71 8.92 9.76 7.30
C GLU B 71 10.19 10.42 6.78
N PRO B 72 10.46 11.65 7.23
CA PRO B 72 11.64 12.41 6.81
C PRO B 72 12.94 11.60 6.96
N GLU B 73 13.03 10.83 8.04
CA GLU B 73 14.20 10.00 8.31
C GLU B 73 14.42 8.97 7.20
N PHE B 74 13.33 8.34 6.77
CA PHE B 74 13.38 7.34 5.72
C PHE B 74 13.71 8.03 4.38
N GLN B 75 13.05 9.17 4.15
CA GLN B 75 13.24 9.93 2.92
C GLN B 75 14.68 10.39 2.75
N LYS B 76 15.30 10.86 3.84
CA LYS B 76 16.67 11.34 3.79
C LYS B 76 17.69 10.22 3.67
N ALA B 77 17.46 9.13 4.40
CA ALA B 77 18.37 7.99 4.37
C ALA B 77 18.39 7.33 2.99
N MET B 78 17.21 7.13 2.42
CA MET B 78 17.09 6.51 1.10
C MET B 78 17.73 7.38 0.02
N GLY B 79 17.51 8.68 0.11
CA GLY B 79 18.10 9.59 -0.86
C GLY B 79 19.62 9.49 -0.83
N GLU B 80 20.18 9.50 0.37
CA GLU B 80 21.62 9.42 0.52
C GLU B 80 22.16 8.06 0.11
N LEU B 81 21.45 6.99 0.47
CA LEU B 81 21.89 5.66 0.10
C LEU B 81 22.06 5.54 -1.41
N ILE B 82 21.08 6.05 -2.16
CA ILE B 82 21.09 5.97 -3.61
C ILE B 82 21.98 6.98 -4.37
N LEU B 83 21.85 8.26 -4.03
CA LEU B 83 22.60 9.30 -4.72
C LEU B 83 23.90 9.75 -4.05
N GLY B 84 24.13 9.28 -2.83
CA GLY B 84 25.33 9.66 -2.12
C GLY B 84 25.38 11.17 -1.94
N ASP B 85 26.45 11.79 -2.43
CA ASP B 85 26.59 13.24 -2.32
C ASP B 85 25.86 14.00 -3.42
N GLY B 86 25.29 13.26 -4.37
CA GLY B 86 24.55 13.89 -5.45
C GLY B 86 23.12 14.23 -5.02
N LEU B 87 22.83 14.05 -3.73
CA LEU B 87 21.50 14.34 -3.20
C LEU B 87 21.30 15.83 -3.01
N LYS B 88 20.55 16.44 -3.91
CA LYS B 88 20.25 17.86 -3.84
C LYS B 88 18.82 18.02 -3.33
N SER B 89 18.70 18.08 -2.02
CA SER B 89 17.41 18.22 -1.36
C SER B 89 16.50 19.30 -1.94
N GLU B 90 17.08 20.40 -2.41
CA GLU B 90 16.29 21.49 -2.96
C GLU B 90 15.51 21.13 -4.23
N THR B 91 15.99 20.14 -4.96
CA THR B 91 15.32 19.73 -6.18
C THR B 91 14.85 18.27 -6.17
N THR B 92 14.84 17.64 -4.99
CA THR B 92 14.41 16.24 -4.92
C THR B 92 13.14 16.03 -4.10
N ALA B 93 12.19 15.32 -4.69
CA ALA B 93 10.93 14.98 -4.05
C ALA B 93 11.00 13.49 -3.71
N THR B 94 10.57 13.12 -2.52
CA THR B 94 10.62 11.73 -2.09
C THR B 94 9.23 11.24 -1.72
N LEU B 95 8.93 10.00 -2.05
CA LEU B 95 7.63 9.42 -1.74
C LEU B 95 7.79 7.97 -1.29
N ALA B 96 7.45 7.69 -0.04
CA ALA B 96 7.53 6.33 0.50
C ALA B 96 6.37 5.56 -0.15
N THR B 97 6.67 4.34 -0.58
CA THR B 97 5.67 3.52 -1.26
C THR B 97 5.58 2.11 -0.71
N VAL B 98 4.65 1.35 -1.27
CA VAL B 98 4.45 -0.04 -0.87
C VAL B 98 5.37 -0.86 -1.78
N GLY B 99 6.64 -0.96 -1.37
CA GLY B 99 7.63 -1.69 -2.14
C GLY B 99 8.08 -1.02 -3.42
N GLY B 100 8.97 -1.68 -4.15
CA GLY B 100 9.46 -1.13 -5.41
C GLY B 100 8.40 -1.13 -6.48
N THR B 101 7.53 -2.15 -6.46
CA THR B 101 6.45 -2.21 -7.44
C THR B 101 5.52 -1.01 -7.22
N GLY B 102 5.24 -0.68 -5.96
CA GLY B 102 4.39 0.46 -5.67
C GLY B 102 5.03 1.74 -6.19
N ALA B 103 6.36 1.80 -6.12
CA ALA B 103 7.11 2.96 -6.59
C ALA B 103 7.03 3.07 -8.10
N LEU B 104 7.13 1.93 -8.78
CA LEU B 104 7.06 1.92 -10.24
C LEU B 104 5.68 2.40 -10.71
N ARG B 105 4.63 1.86 -10.10
CA ARG B 105 3.27 2.23 -10.43
C ARG B 105 3.08 3.73 -10.23
N GLN B 106 3.46 4.22 -9.05
CA GLN B 106 3.34 5.63 -8.71
C GLN B 106 4.12 6.50 -9.68
N ALA B 107 5.27 6.01 -10.14
CA ALA B 107 6.12 6.73 -11.09
C ALA B 107 5.38 6.90 -12.41
N LEU B 108 4.72 5.82 -12.84
CA LEU B 108 3.96 5.82 -14.09
C LEU B 108 2.75 6.74 -14.00
N GLU B 109 2.11 6.77 -12.82
CA GLU B 109 0.96 7.63 -12.59
C GLU B 109 1.36 9.10 -12.62
N LEU B 110 2.51 9.39 -12.02
CA LEU B 110 3.03 10.75 -11.97
C LEU B 110 3.37 11.24 -13.37
N ALA B 111 4.08 10.41 -14.12
CA ALA B 111 4.48 10.74 -15.48
C ALA B 111 3.28 10.98 -16.39
N ARG B 112 2.28 10.11 -16.31
CA ARG B 112 1.09 10.24 -17.15
C ARG B 112 0.32 11.52 -16.83
N MET B 113 0.34 11.94 -15.57
CA MET B 113 -0.33 13.17 -15.18
C MET B 113 0.37 14.31 -15.91
N ALA B 114 1.70 14.32 -15.83
CA ALA B 114 2.53 15.35 -16.48
C ALA B 114 2.40 15.34 -17.98
N ASN B 115 2.33 14.15 -18.57
CA ASN B 115 2.22 14.01 -20.01
C ASN B 115 1.25 12.92 -20.41
N PRO B 116 -0.01 13.29 -20.69
CA PRO B 116 -1.04 12.34 -21.09
C PRO B 116 -0.67 11.49 -22.30
N ASP B 117 0.23 12.00 -23.14
CA ASP B 117 0.64 11.27 -24.34
C ASP B 117 2.05 10.68 -24.24
N LEU B 118 2.36 10.04 -23.12
CA LEU B 118 3.68 9.45 -22.95
C LEU B 118 3.76 7.99 -23.38
N ARG B 119 4.91 7.62 -23.92
CA ARG B 119 5.17 6.25 -24.34
C ARG B 119 6.27 5.76 -23.44
N VAL B 120 6.40 4.44 -23.33
CA VAL B 120 7.43 3.88 -22.48
C VAL B 120 8.31 2.87 -23.21
N PHE B 121 9.62 3.10 -23.14
CA PHE B 121 10.60 2.21 -23.76
C PHE B 121 11.12 1.27 -22.67
N VAL B 122 11.06 -0.03 -22.92
CA VAL B 122 11.56 -1.01 -21.96
C VAL B 122 12.56 -1.91 -22.67
N SER B 123 13.44 -2.53 -21.88
CA SER B 123 14.47 -3.39 -22.43
C SER B 123 13.93 -4.72 -22.92
N ASP B 124 14.55 -5.21 -23.99
CA ASP B 124 14.19 -6.49 -24.55
C ASP B 124 15.27 -7.48 -24.10
N PRO B 125 14.99 -8.29 -23.06
CA PRO B 125 13.76 -8.36 -22.28
C PRO B 125 13.85 -7.54 -20.98
N THR B 126 12.81 -7.60 -20.16
CA THR B 126 12.77 -6.90 -18.89
C THR B 126 11.80 -7.63 -17.95
N TRP B 127 11.69 -7.13 -16.72
CA TRP B 127 10.81 -7.72 -15.72
C TRP B 127 9.37 -7.73 -16.28
N PRO B 128 8.75 -8.91 -16.36
CA PRO B 128 7.38 -9.07 -16.88
C PRO B 128 6.40 -8.09 -16.25
N ASN B 129 6.49 -7.95 -14.94
CA ASN B 129 5.62 -7.07 -14.18
C ASN B 129 5.67 -5.63 -14.64
N HIS B 130 6.69 -5.28 -15.42
CA HIS B 130 6.82 -3.92 -15.95
C HIS B 130 5.73 -3.75 -17.00
N VAL B 131 5.70 -4.69 -17.93
CA VAL B 131 4.73 -4.67 -19.02
C VAL B 131 3.27 -4.82 -18.59
N SER B 132 3.01 -5.73 -17.65
CA SER B 132 1.63 -5.93 -17.20
C SER B 132 1.04 -4.66 -16.64
N ILE B 133 1.79 -3.96 -15.80
CA ILE B 133 1.32 -2.71 -15.20
C ILE B 133 1.04 -1.65 -16.27
N MET B 134 1.94 -1.51 -17.24
CA MET B 134 1.77 -0.53 -18.30
C MET B 134 0.54 -0.88 -19.12
N ASN B 135 0.35 -2.18 -19.38
CA ASN B 135 -0.80 -2.66 -20.13
C ASN B 135 -2.07 -2.29 -19.37
N PHE B 136 -2.09 -2.63 -18.07
CA PHE B 136 -3.21 -2.33 -17.20
C PHE B 136 -3.55 -0.84 -17.24
N MET B 137 -2.52 0.01 -17.23
CA MET B 137 -2.70 1.45 -17.28
C MET B 137 -3.06 1.92 -18.69
N GLY B 138 -2.79 1.09 -19.69
CA GLY B 138 -3.09 1.45 -21.07
C GLY B 138 -2.04 2.34 -21.72
N LEU B 139 -0.80 2.25 -21.23
CA LEU B 139 0.31 3.04 -21.75
C LEU B 139 1.03 2.29 -22.87
N PRO B 140 1.28 2.96 -24.01
CA PRO B 140 1.96 2.35 -25.16
C PRO B 140 3.41 1.95 -24.86
N VAL B 141 3.70 0.66 -24.97
CA VAL B 141 5.03 0.12 -24.68
C VAL B 141 5.85 -0.21 -25.93
N GLN B 142 7.07 0.31 -25.96
CA GLN B 142 8.00 0.05 -27.04
C GLN B 142 9.22 -0.58 -26.40
N THR B 143 9.95 -1.38 -27.16
CA THR B 143 11.12 -2.02 -26.61
C THR B 143 12.37 -1.62 -27.35
N TYR B 144 13.48 -1.61 -26.61
CA TYR B 144 14.78 -1.31 -27.18
C TYR B 144 15.60 -2.57 -26.99
N ARG B 145 16.41 -2.89 -27.99
CA ARG B 145 17.25 -4.07 -27.93
C ARG B 145 18.17 -3.93 -26.74
N TYR B 146 18.39 -5.03 -26.04
CA TYR B 146 19.25 -4.99 -24.86
C TYR B 146 20.11 -6.24 -24.76
N PHE B 147 19.46 -7.39 -24.57
CA PHE B 147 20.18 -8.63 -24.43
C PHE B 147 20.63 -9.18 -25.78
N ASP B 148 21.89 -9.59 -25.83
CA ASP B 148 22.49 -10.14 -27.05
C ASP B 148 22.46 -11.66 -26.92
N ALA B 149 21.40 -12.27 -27.42
CA ALA B 149 21.17 -13.71 -27.37
C ALA B 149 22.37 -14.62 -27.64
N GLU B 150 23.23 -14.23 -28.58
CA GLU B 150 24.39 -15.05 -28.91
C GLU B 150 25.51 -14.97 -27.88
N THR B 151 25.97 -13.76 -27.59
CA THR B 151 27.05 -13.56 -26.63
C THR B 151 26.54 -13.51 -25.18
N ARG B 152 25.22 -13.53 -25.02
CA ARG B 152 24.58 -13.45 -23.71
C ARG B 152 24.95 -12.15 -23.01
N GLY B 153 25.56 -11.23 -23.76
CA GLY B 153 25.94 -9.95 -23.20
C GLY B 153 24.90 -8.92 -23.57
N VAL B 154 25.34 -7.68 -23.71
CA VAL B 154 24.44 -6.59 -24.08
C VAL B 154 24.68 -6.11 -25.51
N ASP B 155 23.62 -6.07 -26.29
CA ASP B 155 23.68 -5.58 -27.67
C ASP B 155 23.61 -4.06 -27.55
N PHE B 156 24.63 -3.46 -26.96
CA PHE B 156 24.68 -2.03 -26.75
C PHE B 156 24.54 -1.23 -28.06
N GLU B 157 25.05 -1.79 -29.14
CA GLU B 157 24.97 -1.15 -30.45
C GLU B 157 23.51 -0.95 -30.81
N GLY B 158 22.70 -1.99 -30.63
CA GLY B 158 21.28 -1.91 -30.93
C GLY B 158 20.50 -1.04 -29.95
N MET B 159 20.88 -1.09 -28.69
CA MET B 159 20.24 -0.31 -27.63
C MET B 159 20.29 1.19 -27.92
N LYS B 160 21.46 1.67 -28.31
CA LYS B 160 21.65 3.09 -28.62
C LYS B 160 20.84 3.52 -29.83
N ALA B 161 20.77 2.65 -30.83
CA ALA B 161 20.03 2.93 -32.05
C ALA B 161 18.55 3.11 -31.75
N ASP B 162 17.99 2.15 -31.03
CA ASP B 162 16.58 2.19 -30.66
C ASP B 162 16.24 3.38 -29.78
N LEU B 163 17.10 3.67 -28.82
CA LEU B 163 16.88 4.78 -27.90
C LEU B 163 16.92 6.14 -28.57
N ALA B 164 17.69 6.25 -29.63
CA ALA B 164 17.79 7.51 -30.36
C ALA B 164 16.44 7.89 -30.97
N ALA B 165 15.58 6.89 -31.13
CA ALA B 165 14.26 7.09 -31.70
C ALA B 165 13.26 7.67 -30.70
N ALA B 166 13.63 7.69 -29.42
CA ALA B 166 12.75 8.25 -28.39
C ALA B 166 12.69 9.75 -28.60
N LYS B 167 11.69 10.40 -28.02
CA LYS B 167 11.56 11.85 -28.15
C LYS B 167 11.07 12.48 -26.87
N LYS B 168 10.92 13.79 -26.90
CA LYS B 168 10.45 14.53 -25.74
C LYS B 168 9.14 13.96 -25.23
N GLY B 169 9.01 13.85 -23.90
CA GLY B 169 7.79 13.33 -23.32
C GLY B 169 7.79 11.84 -23.11
N ASP B 170 8.58 11.12 -23.91
CA ASP B 170 8.67 9.68 -23.77
C ASP B 170 9.47 9.35 -22.51
N MET B 171 9.34 8.12 -22.04
CA MET B 171 10.05 7.67 -20.86
C MET B 171 10.86 6.43 -21.19
N VAL B 172 12.06 6.35 -20.64
CA VAL B 172 12.93 5.20 -20.86
C VAL B 172 13.14 4.51 -19.51
N LEU B 173 12.83 3.22 -19.47
CA LEU B 173 12.99 2.45 -18.25
C LEU B 173 14.34 1.72 -18.28
N LEU B 174 15.18 2.00 -17.29
CA LEU B 174 16.49 1.36 -17.20
C LEU B 174 16.61 0.64 -15.85
N HIS B 175 17.43 -0.41 -15.83
CA HIS B 175 17.69 -1.14 -14.60
C HIS B 175 19.01 -0.55 -14.10
N GLY B 176 18.98 0.07 -12.91
CA GLY B 176 20.19 0.67 -12.36
C GLY B 176 21.38 -0.28 -12.29
N CYS B 177 21.09 -1.55 -12.07
CA CYS B 177 22.11 -2.60 -11.99
C CYS B 177 21.38 -3.95 -11.96
N CYS B 178 22.14 -5.02 -11.82
CA CYS B 178 21.59 -6.38 -11.74
C CYS B 178 20.31 -6.57 -12.57
N HIS B 179 20.47 -6.55 -13.88
CA HIS B 179 19.36 -6.67 -14.81
C HIS B 179 18.51 -7.93 -14.66
N ASN B 180 17.24 -7.71 -14.37
CA ASN B 180 16.26 -8.78 -14.23
C ASN B 180 15.57 -8.82 -15.59
N PRO B 181 15.53 -9.98 -16.26
CA PRO B 181 16.03 -11.33 -15.95
C PRO B 181 17.40 -11.79 -16.50
N THR B 182 18.05 -10.98 -17.32
CA THR B 182 19.32 -11.39 -17.93
C THR B 182 20.58 -11.49 -17.08
N GLY B 183 20.83 -10.47 -16.26
CA GLY B 183 22.05 -10.45 -15.48
C GLY B 183 23.14 -9.75 -16.28
N ALA B 184 22.80 -9.32 -17.49
CA ALA B 184 23.72 -8.59 -18.37
C ALA B 184 23.60 -7.14 -17.93
N ASN B 185 24.73 -6.48 -17.71
CA ASN B 185 24.69 -5.10 -17.22
C ASN B 185 25.60 -4.15 -17.98
N LEU B 186 25.21 -2.88 -18.00
CA LEU B 186 25.95 -1.82 -18.66
C LEU B 186 27.14 -1.37 -17.81
N THR B 187 28.19 -0.90 -18.48
CA THR B 187 29.38 -0.42 -17.78
C THR B 187 29.25 1.09 -17.65
N LEU B 188 30.07 1.71 -16.82
CA LEU B 188 30.01 3.16 -16.63
C LEU B 188 30.21 3.90 -17.93
N ASP B 189 31.08 3.38 -18.79
CA ASP B 189 31.33 4.00 -20.08
C ASP B 189 30.06 3.96 -20.92
N GLN B 190 29.35 2.84 -20.87
CA GLN B 190 28.10 2.68 -21.60
C GLN B 190 27.03 3.61 -21.04
N TRP B 191 27.01 3.78 -19.72
CA TRP B 191 26.06 4.67 -19.06
C TRP B 191 26.22 6.12 -19.48
N ALA B 192 27.47 6.57 -19.64
CA ALA B 192 27.74 7.94 -20.05
C ALA B 192 27.19 8.17 -21.44
N GLU B 193 27.36 7.19 -22.32
CA GLU B 193 26.85 7.30 -23.69
C GLU B 193 25.32 7.31 -23.69
N ILE B 194 24.70 6.54 -22.80
CA ILE B 194 23.24 6.52 -22.71
C ILE B 194 22.75 7.89 -22.26
N ALA B 195 23.45 8.49 -21.31
CA ALA B 195 23.09 9.80 -20.80
C ALA B 195 23.11 10.86 -21.91
N SER B 196 24.10 10.78 -22.80
CA SER B 196 24.18 11.75 -23.88
C SER B 196 23.01 11.55 -24.83
N ILE B 197 22.61 10.31 -25.02
CA ILE B 197 21.47 10.00 -25.90
C ILE B 197 20.19 10.57 -25.29
N LEU B 198 20.01 10.36 -23.99
CA LEU B 198 18.84 10.84 -23.26
C LEU B 198 18.69 12.35 -23.37
N GLU B 199 19.74 13.08 -23.01
CA GLU B 199 19.66 14.54 -23.08
C GLU B 199 19.44 15.06 -24.49
N LYS B 200 19.92 14.32 -25.49
CA LYS B 200 19.75 14.71 -26.89
C LYS B 200 18.29 14.54 -27.33
N THR B 201 17.63 13.51 -26.80
CA THR B 201 16.25 13.22 -27.14
C THR B 201 15.22 13.88 -26.23
N GLY B 202 15.65 14.20 -25.00
CA GLY B 202 14.75 14.82 -24.04
C GLY B 202 13.79 13.83 -23.38
N ALA B 203 14.12 12.55 -23.46
CA ALA B 203 13.29 11.51 -22.85
C ALA B 203 13.59 11.36 -21.35
N LEU B 204 12.53 11.31 -20.55
CA LEU B 204 12.63 11.17 -19.09
C LEU B 204 13.04 9.75 -18.70
N PRO B 205 14.14 9.61 -17.94
CA PRO B 205 14.55 8.26 -17.54
C PRO B 205 13.92 7.81 -16.23
N LEU B 206 13.48 6.56 -16.21
CA LEU B 206 12.90 5.96 -15.02
C LEU B 206 13.87 4.84 -14.69
N ILE B 207 14.44 4.87 -13.49
CA ILE B 207 15.40 3.87 -13.09
C ILE B 207 14.79 2.95 -12.04
N ASP B 208 14.90 1.65 -12.30
CA ASP B 208 14.39 0.63 -11.40
C ASP B 208 15.62 0.17 -10.61
N LEU B 209 15.68 0.56 -9.34
CA LEU B 209 16.79 0.19 -8.47
C LEU B 209 16.31 -0.84 -7.45
N ALA B 210 16.30 -2.11 -7.85
CA ALA B 210 15.82 -3.18 -6.98
C ALA B 210 16.89 -4.02 -6.27
N TYR B 211 18.09 -4.09 -6.83
CA TYR B 211 19.15 -4.90 -6.24
C TYR B 211 20.44 -4.19 -5.86
N GLN B 212 20.38 -2.91 -5.51
CA GLN B 212 21.59 -2.18 -5.11
C GLN B 212 22.34 -2.92 -4.01
N GLY B 213 23.48 -3.51 -4.36
CA GLY B 213 24.27 -4.24 -3.37
C GLY B 213 24.55 -5.68 -3.74
N PHE B 214 23.82 -6.19 -4.73
CA PHE B 214 23.99 -7.57 -5.18
C PHE B 214 24.90 -7.73 -6.38
N GLY B 215 25.29 -6.62 -7.00
CA GLY B 215 26.16 -6.69 -8.16
C GLY B 215 27.63 -6.59 -7.83
N ASP B 216 28.13 -5.37 -7.71
CA ASP B 216 29.54 -5.12 -7.40
C ASP B 216 29.76 -4.38 -6.08
N GLY B 217 28.67 -3.99 -5.42
CA GLY B 217 28.81 -3.28 -4.16
C GLY B 217 27.81 -2.16 -4.05
N LEU B 218 27.51 -1.76 -2.82
CA LEU B 218 26.55 -0.68 -2.56
C LEU B 218 26.79 0.59 -3.36
N GLU B 219 27.98 1.16 -3.25
CA GLU B 219 28.29 2.38 -3.98
C GLU B 219 28.44 2.13 -5.47
N GLU B 220 29.16 1.07 -5.82
CA GLU B 220 29.39 0.76 -7.23
C GLU B 220 28.11 0.48 -8.02
N ASP B 221 27.13 -0.15 -7.39
CA ASP B 221 25.87 -0.45 -8.06
C ASP B 221 25.00 0.77 -8.30
N ALA B 222 25.26 1.85 -7.57
CA ALA B 222 24.52 3.10 -7.69
C ALA B 222 25.22 4.06 -8.67
N ALA B 223 26.42 3.67 -9.11
CA ALA B 223 27.24 4.50 -10.02
C ALA B 223 26.52 5.01 -11.26
N GLY B 224 25.91 4.09 -12.02
CA GLY B 224 25.18 4.46 -13.22
C GLY B 224 24.06 5.43 -12.93
N THR B 225 23.32 5.17 -11.86
CA THR B 225 22.20 6.02 -11.45
C THR B 225 22.71 7.43 -11.14
N ARG B 226 23.84 7.49 -10.44
CA ARG B 226 24.46 8.77 -10.08
C ARG B 226 24.97 9.53 -11.30
N LEU B 227 25.40 8.79 -12.31
CA LEU B 227 25.89 9.36 -13.56
C LEU B 227 24.69 10.07 -14.24
N ILE B 228 23.59 9.34 -14.42
CA ILE B 228 22.39 9.88 -15.05
C ILE B 228 21.87 11.09 -14.26
N ALA B 229 21.89 10.98 -12.93
CA ALA B 229 21.40 12.03 -12.05
C ALA B 229 22.20 13.33 -12.10
N SER B 230 23.49 13.22 -12.43
CA SER B 230 24.34 14.40 -12.51
C SER B 230 24.30 15.03 -13.90
N ARG B 231 23.80 14.28 -14.87
CA ARG B 231 23.73 14.76 -16.23
C ARG B 231 22.33 15.21 -16.69
N ILE B 232 21.31 14.42 -16.37
CA ILE B 232 19.94 14.74 -16.77
C ILE B 232 19.22 15.50 -15.65
N PRO B 233 18.69 16.70 -15.96
CA PRO B 233 17.97 17.56 -15.02
C PRO B 233 16.70 17.01 -14.37
N GLU B 234 16.05 16.05 -15.00
CA GLU B 234 14.83 15.47 -14.45
C GLU B 234 14.91 13.97 -14.58
N VAL B 235 14.91 13.27 -13.44
CA VAL B 235 15.02 11.82 -13.42
C VAL B 235 14.08 11.22 -12.36
N LEU B 236 13.65 9.99 -12.58
CA LEU B 236 12.76 9.29 -11.64
C LEU B 236 13.45 7.99 -11.23
N ILE B 237 13.53 7.73 -9.94
CA ILE B 237 14.17 6.51 -9.46
C ILE B 237 13.21 5.77 -8.52
N ALA B 238 12.91 4.53 -8.86
CA ALA B 238 12.02 3.69 -8.07
C ALA B 238 12.86 2.62 -7.37
N ALA B 239 13.12 2.82 -6.08
CA ALA B 239 13.96 1.91 -5.32
C ALA B 239 13.18 0.94 -4.44
N SER B 240 13.76 -0.23 -4.24
CA SER B 240 13.17 -1.27 -3.44
C SER B 240 14.11 -1.68 -2.31
N CYS B 241 13.55 -1.87 -1.12
CA CYS B 241 14.34 -2.30 0.02
C CYS B 241 14.06 -3.77 0.31
N SER B 242 13.24 -4.39 -0.54
CA SER B 242 12.85 -5.79 -0.38
C SER B 242 14.00 -6.78 -0.35
N LYS B 243 14.88 -6.69 -1.34
CA LYS B 243 16.00 -7.61 -1.43
C LYS B 243 17.26 -7.21 -0.64
N ASN B 244 17.75 -5.98 -0.80
CA ASN B 244 18.97 -5.59 -0.08
C ASN B 244 18.85 -5.48 1.44
N PHE B 245 17.62 -5.36 1.94
CA PHE B 245 17.38 -5.32 3.39
C PHE B 245 16.69 -6.60 3.85
N GLY B 246 16.33 -7.46 2.90
CA GLY B 246 15.68 -8.72 3.24
C GLY B 246 14.33 -8.60 3.95
N ILE B 247 13.58 -7.55 3.64
CA ILE B 247 12.27 -7.32 4.26
C ILE B 247 11.17 -7.33 3.20
N TYR B 248 11.19 -8.35 2.34
CA TYR B 248 10.24 -8.52 1.24
C TYR B 248 8.77 -8.30 1.62
N ARG B 249 8.29 -9.08 2.58
CA ARG B 249 6.88 -8.99 3.02
C ARG B 249 6.45 -7.70 3.71
N GLU B 250 7.40 -6.83 4.06
CA GLU B 250 7.05 -5.57 4.73
C GLU B 250 6.52 -4.53 3.74
N ARG B 251 6.92 -4.67 2.48
CA ARG B 251 6.49 -3.78 1.42
C ARG B 251 6.98 -2.35 1.63
N THR B 252 8.27 -2.13 1.38
CA THR B 252 8.85 -0.80 1.54
C THR B 252 9.82 -0.44 0.42
N GLY B 253 9.63 0.76 -0.11
CA GLY B 253 10.46 1.28 -1.18
C GLY B 253 10.18 2.76 -1.25
N CYS B 254 10.77 3.44 -2.23
CA CYS B 254 10.52 4.88 -2.36
C CYS B 254 10.72 5.38 -3.77
N LEU B 255 9.98 6.44 -4.11
CA LEU B 255 10.04 7.06 -5.41
C LEU B 255 10.76 8.38 -5.23
N LEU B 256 11.82 8.56 -6.03
CA LEU B 256 12.62 9.77 -5.99
C LEU B 256 12.40 10.54 -7.28
N ALA B 257 11.97 11.79 -7.15
CA ALA B 257 11.73 12.64 -8.30
C ALA B 257 12.78 13.75 -8.31
N LEU B 258 13.76 13.62 -9.21
CA LEU B 258 14.82 14.61 -9.33
C LEU B 258 14.34 15.69 -10.28
N CYS B 259 14.28 16.93 -9.77
CA CYS B 259 13.79 18.06 -10.55
C CYS B 259 14.87 19.12 -10.81
N ALA B 260 14.56 20.04 -11.71
CA ALA B 260 15.50 21.09 -12.09
C ALA B 260 15.49 22.29 -11.13
N ASP B 261 14.32 22.68 -10.68
CA ASP B 261 14.22 23.81 -9.77
C ASP B 261 13.31 23.49 -8.59
N ALA B 262 13.42 24.28 -7.53
CA ALA B 262 12.61 24.10 -6.34
C ALA B 262 11.10 24.14 -6.65
N ALA B 263 10.73 24.99 -7.59
CA ALA B 263 9.33 25.13 -7.98
C ALA B 263 8.77 23.79 -8.42
N THR B 264 9.36 23.22 -9.45
CA THR B 264 8.92 21.92 -9.98
C THR B 264 8.95 20.89 -8.86
N ARG B 265 9.93 21.02 -7.97
CA ARG B 265 10.08 20.09 -6.86
C ARG B 265 8.83 20.10 -5.97
N GLU B 266 8.36 21.29 -5.60
CA GLU B 266 7.17 21.40 -4.76
C GLU B 266 5.94 20.85 -5.49
N LEU B 267 5.92 21.00 -6.80
CA LEU B 267 4.82 20.51 -7.63
C LEU B 267 4.77 18.99 -7.51
N ALA B 268 5.88 18.36 -7.86
CA ALA B 268 6.02 16.91 -7.84
C ALA B 268 5.72 16.33 -6.48
N GLN B 269 6.30 16.92 -5.44
CA GLN B 269 6.08 16.45 -4.08
C GLN B 269 4.60 16.49 -3.75
N GLY B 270 3.92 17.55 -4.20
CA GLY B 270 2.49 17.66 -3.97
C GLY B 270 1.73 16.59 -4.72
N ALA B 271 2.07 16.41 -5.99
CA ALA B 271 1.42 15.41 -6.83
C ALA B 271 1.61 14.00 -6.28
N MET B 272 2.82 13.70 -5.83
CA MET B 272 3.16 12.40 -5.28
C MET B 272 2.36 12.10 -4.00
N ALA B 273 2.30 13.07 -3.09
CA ALA B 273 1.55 12.91 -1.84
C ALA B 273 0.07 12.65 -2.14
N PHE B 274 -0.43 13.31 -3.19
CA PHE B 274 -1.79 13.17 -3.65
C PHE B 274 -2.00 11.75 -4.19
N LEU B 275 -1.02 11.24 -4.94
CA LEU B 275 -1.12 9.89 -5.49
C LEU B 275 -1.30 8.85 -4.40
N ASN B 276 -0.57 9.00 -3.29
CA ASN B 276 -0.66 8.07 -2.17
C ASN B 276 -2.02 8.19 -1.49
N ARG B 277 -2.45 9.43 -1.29
CA ARG B 277 -3.73 9.72 -0.67
C ARG B 277 -4.90 9.08 -1.43
N GLN B 278 -4.88 9.20 -2.75
CA GLN B 278 -5.93 8.66 -3.61
C GLN B 278 -5.81 7.15 -3.87
N THR B 279 -4.76 6.51 -3.37
CA THR B 279 -4.59 5.08 -3.59
C THR B 279 -4.75 4.24 -2.32
N TYR B 280 -4.31 4.77 -1.18
CA TYR B 280 -4.41 4.04 0.08
C TYR B 280 -4.13 4.89 1.31
N SER B 281 -4.24 6.21 1.17
CA SER B 281 -3.98 7.15 2.26
C SER B 281 -2.49 7.18 2.66
N PHE B 282 -2.12 6.43 3.68
CA PHE B 282 -0.75 6.41 4.17
C PHE B 282 0.01 5.18 3.76
N PRO B 283 1.34 5.32 3.54
CA PRO B 283 2.18 4.20 3.16
C PRO B 283 2.50 3.43 4.44
N PRO B 284 2.75 2.10 4.33
CA PRO B 284 3.06 1.28 5.51
C PRO B 284 4.32 1.76 6.22
N PHE B 285 4.25 1.84 7.54
CA PHE B 285 5.34 2.34 8.37
C PHE B 285 6.47 1.37 8.81
N HIS B 286 6.11 0.17 9.25
CA HIS B 286 7.08 -0.79 9.75
C HIS B 286 8.42 -1.02 9.02
N GLY B 287 8.34 -1.38 7.74
CA GLY B 287 9.54 -1.62 6.99
C GLY B 287 10.41 -0.38 6.83
N ALA B 288 9.76 0.73 6.49
CA ALA B 288 10.46 2.00 6.31
C ALA B 288 11.20 2.40 7.59
N LYS B 289 10.61 2.06 8.73
CA LYS B 289 11.21 2.37 10.02
C LYS B 289 12.46 1.53 10.26
N ILE B 290 12.41 0.26 9.84
CA ILE B 290 13.55 -0.63 9.99
C ILE B 290 14.72 -0.08 9.17
N VAL B 291 14.43 0.33 7.94
CA VAL B 291 15.43 0.85 7.04
C VAL B 291 16.11 2.10 7.58
N SER B 292 15.34 3.11 7.99
CA SER B 292 15.94 4.32 8.50
C SER B 292 16.72 4.06 9.80
N THR B 293 16.23 3.14 10.62
CA THR B 293 16.90 2.80 11.87
C THR B 293 18.29 2.22 11.56
N VAL B 294 18.35 1.27 10.63
CA VAL B 294 19.62 0.64 10.25
C VAL B 294 20.56 1.69 9.67
N LEU B 295 20.03 2.48 8.74
CA LEU B 295 20.79 3.51 8.05
C LEU B 295 21.30 4.68 8.87
N THR B 296 20.61 5.04 9.95
CA THR B 296 21.03 6.16 10.78
C THR B 296 21.75 5.76 12.06
N THR B 297 21.93 4.46 12.25
CA THR B 297 22.62 3.97 13.42
C THR B 297 23.91 3.33 12.94
N PRO B 298 25.04 4.05 13.07
CA PRO B 298 26.38 3.61 12.66
C PRO B 298 26.65 2.13 12.88
N GLU B 299 26.42 1.67 14.10
CA GLU B 299 26.63 0.29 14.46
C GLU B 299 25.78 -0.68 13.61
N LEU B 300 24.52 -0.31 13.41
CA LEU B 300 23.61 -1.13 12.62
C LEU B 300 23.93 -1.12 11.13
N ARG B 301 24.23 0.06 10.59
CA ARG B 301 24.57 0.17 9.17
C ARG B 301 25.82 -0.65 8.87
N ALA B 302 26.79 -0.62 9.78
CA ALA B 302 28.02 -1.37 9.59
C ALA B 302 27.76 -2.86 9.48
N ASP B 303 26.97 -3.42 10.39
CA ASP B 303 26.67 -4.86 10.33
C ASP B 303 25.86 -5.24 9.11
N TRP B 304 25.00 -4.31 8.66
CA TRP B 304 24.19 -4.56 7.47
C TRP B 304 25.08 -4.60 6.24
N MET B 305 25.96 -3.60 6.12
CA MET B 305 26.88 -3.51 4.99
C MET B 305 27.69 -4.79 4.92
N ALA B 306 28.18 -5.24 6.07
CA ALA B 306 28.98 -6.46 6.15
C ALA B 306 28.21 -7.71 5.71
N GLU B 307 27.00 -7.87 6.25
CA GLU B 307 26.17 -9.02 5.91
C GLU B 307 25.82 -9.03 4.42
N LEU B 308 25.42 -7.88 3.88
CA LEU B 308 25.08 -7.79 2.46
C LEU B 308 26.30 -8.13 1.63
N GLU B 309 27.46 -7.73 2.11
CA GLU B 309 28.74 -8.00 1.44
C GLU B 309 29.00 -9.49 1.38
N ALA B 310 28.79 -10.16 2.51
CA ALA B 310 28.98 -11.60 2.60
C ALA B 310 28.07 -12.30 1.59
N VAL B 311 26.81 -11.86 1.52
CA VAL B 311 25.85 -12.42 0.59
C VAL B 311 26.31 -12.28 -0.86
N ARG B 312 26.56 -11.05 -1.28
CA ARG B 312 26.99 -10.77 -2.65
C ARG B 312 28.29 -11.50 -3.00
N SER B 313 29.18 -11.67 -2.02
CA SER B 313 30.45 -12.36 -2.24
C SER B 313 30.23 -13.87 -2.43
N GLY B 314 29.35 -14.44 -1.63
CA GLY B 314 29.05 -15.86 -1.73
C GLY B 314 28.47 -16.21 -3.08
N MET B 315 27.53 -15.40 -3.55
CA MET B 315 26.89 -15.63 -4.85
C MET B 315 27.90 -15.57 -5.98
N LEU B 316 28.81 -14.60 -5.92
CA LEU B 316 29.83 -14.46 -6.95
C LEU B 316 30.66 -15.75 -7.00
N ARG B 317 30.93 -16.35 -5.84
CA ARG B 317 31.67 -17.59 -5.77
C ARG B 317 30.90 -18.71 -6.45
N LEU B 318 29.58 -18.69 -6.30
CA LEU B 318 28.70 -19.70 -6.89
C LEU B 318 28.65 -19.60 -8.41
N ARG B 319 28.65 -18.39 -8.94
CA ARG B 319 28.64 -18.20 -10.39
C ARG B 319 29.91 -18.79 -10.97
N GLU B 320 31.04 -18.52 -10.32
CA GLU B 320 32.33 -19.02 -10.78
C GLU B 320 32.41 -20.54 -10.65
N GLN B 321 31.84 -21.07 -9.57
CA GLN B 321 31.85 -22.50 -9.35
C GLN B 321 31.05 -23.21 -10.44
N LEU B 322 29.84 -22.73 -10.69
CA LEU B 322 28.96 -23.30 -11.71
C LEU B 322 29.61 -23.20 -13.08
N ALA B 323 30.18 -22.05 -13.39
CA ALA B 323 30.84 -21.85 -14.67
C ALA B 323 31.90 -22.93 -14.85
N GLY B 324 32.73 -23.11 -13.82
CA GLY B 324 33.78 -24.11 -13.86
C GLY B 324 33.25 -25.51 -14.08
N GLU B 325 32.21 -25.88 -13.34
CA GLU B 325 31.60 -27.19 -13.46
C GLU B 325 31.24 -27.45 -14.92
N LEU B 326 30.53 -26.50 -15.52
CA LEU B 326 30.12 -26.61 -16.92
C LEU B 326 31.33 -26.69 -17.84
N ARG B 327 32.34 -25.87 -17.58
CA ARG B 327 33.55 -25.87 -18.40
C ARG B 327 34.16 -27.26 -18.44
N ASP B 328 34.32 -27.88 -17.29
CA ASP B 328 34.87 -29.22 -17.21
C ASP B 328 33.94 -30.28 -17.80
N LEU B 329 32.66 -29.95 -17.88
CA LEU B 329 31.68 -30.88 -18.44
C LEU B 329 31.48 -30.73 -19.95
N SER B 330 32.31 -29.91 -20.58
CA SER B 330 32.20 -29.72 -22.02
C SER B 330 33.54 -29.39 -22.68
N GLY B 331 34.53 -29.05 -21.85
CA GLY B 331 35.84 -28.69 -22.38
C GLY B 331 35.76 -27.39 -23.15
N SER B 332 34.59 -26.76 -23.12
CA SER B 332 34.35 -25.52 -23.83
C SER B 332 33.80 -24.49 -22.85
N ASP B 333 34.37 -23.28 -22.88
CA ASP B 333 33.93 -22.22 -21.99
C ASP B 333 32.81 -21.40 -22.63
N ARG B 334 31.84 -22.08 -23.24
CA ARG B 334 30.72 -21.38 -23.87
C ARG B 334 29.89 -20.77 -22.77
N PHE B 335 29.82 -21.47 -21.64
CA PHE B 335 29.06 -21.01 -20.49
C PHE B 335 29.83 -20.02 -19.62
N GLY B 336 30.88 -19.43 -20.18
CA GLY B 336 31.67 -18.47 -19.44
C GLY B 336 30.90 -17.22 -19.06
N PHE B 337 29.91 -16.85 -19.89
CA PHE B 337 29.10 -15.66 -19.64
C PHE B 337 28.49 -15.66 -18.25
N VAL B 338 28.27 -16.85 -17.69
CA VAL B 338 27.70 -17.01 -16.37
C VAL B 338 28.49 -16.23 -15.31
N ALA B 339 29.82 -16.36 -15.37
CA ALA B 339 30.70 -15.68 -14.43
C ALA B 339 30.78 -14.18 -14.71
N GLU B 340 30.46 -13.78 -15.94
CA GLU B 340 30.50 -12.38 -16.32
C GLU B 340 29.26 -11.62 -15.87
N HIS B 341 28.12 -12.32 -15.84
CA HIS B 341 26.87 -11.70 -15.43
C HIS B 341 26.96 -11.23 -13.99
N ARG B 342 26.18 -10.20 -13.65
CA ARG B 342 26.22 -9.68 -12.31
C ARG B 342 24.80 -9.56 -11.76
N GLY B 343 24.61 -10.03 -10.53
CA GLY B 343 23.30 -9.97 -9.92
C GLY B 343 22.84 -11.31 -9.40
N MET B 344 21.52 -11.48 -9.32
CA MET B 344 20.94 -12.72 -8.83
C MET B 344 20.50 -13.68 -9.92
N PHE B 345 20.36 -13.18 -11.15
CA PHE B 345 19.90 -14.01 -12.25
C PHE B 345 20.89 -14.15 -13.39
N SER B 346 20.56 -15.05 -14.30
CA SER B 346 21.35 -15.35 -15.49
C SER B 346 20.45 -16.07 -16.47
N ARG B 347 20.36 -15.59 -17.69
CA ARG B 347 19.54 -16.24 -18.71
C ARG B 347 20.46 -17.26 -19.38
N LEU B 348 20.16 -18.54 -19.20
CA LEU B 348 20.99 -19.61 -19.77
C LEU B 348 20.94 -19.71 -21.29
N GLY B 349 19.83 -19.28 -21.87
CA GLY B 349 19.70 -19.33 -23.32
C GLY B 349 19.09 -20.63 -23.84
N ALA B 350 18.68 -21.52 -22.93
CA ALA B 350 18.07 -22.77 -23.32
C ALA B 350 16.71 -22.44 -23.93
N THR B 351 16.29 -23.22 -24.93
CA THR B 351 15.01 -22.98 -25.57
C THR B 351 13.85 -23.40 -24.67
N PRO B 352 12.66 -22.83 -24.88
CA PRO B 352 11.47 -23.16 -24.07
C PRO B 352 11.22 -24.66 -23.91
N GLU B 353 11.41 -25.41 -24.98
CA GLU B 353 11.21 -26.85 -24.96
C GLU B 353 12.20 -27.53 -24.00
N GLN B 354 13.44 -27.04 -24.00
CA GLN B 354 14.47 -27.58 -23.14
C GLN B 354 14.16 -27.24 -21.69
N VAL B 355 13.77 -25.99 -21.45
CA VAL B 355 13.43 -25.51 -20.12
C VAL B 355 12.41 -26.43 -19.46
N LYS B 356 11.33 -26.72 -20.17
CA LYS B 356 10.27 -27.60 -19.67
C LYS B 356 10.77 -29.02 -19.47
N ARG B 357 11.54 -29.52 -20.42
CA ARG B 357 12.08 -30.87 -20.36
C ARG B 357 12.91 -31.05 -19.09
N ILE B 358 13.75 -30.06 -18.80
CA ILE B 358 14.62 -30.09 -17.62
C ILE B 358 13.83 -30.19 -16.31
N LYS B 359 12.78 -29.40 -16.18
CA LYS B 359 11.97 -29.44 -14.97
C LYS B 359 11.14 -30.71 -14.85
N GLU B 360 10.67 -31.23 -15.99
CA GLU B 360 9.85 -32.43 -15.97
C GLU B 360 10.61 -33.73 -15.73
N GLU B 361 11.85 -33.83 -16.21
CA GLU B 361 12.62 -35.04 -15.99
C GLU B 361 13.69 -34.86 -14.91
N PHE B 362 14.41 -33.74 -14.96
CA PHE B 362 15.46 -33.47 -13.98
C PHE B 362 14.93 -32.88 -12.68
N GLY B 363 13.78 -32.22 -12.75
CA GLY B 363 13.18 -31.66 -11.54
C GLY B 363 13.69 -30.32 -11.03
N ILE B 364 14.39 -29.56 -11.87
CA ILE B 364 14.89 -28.25 -11.46
C ILE B 364 14.04 -27.16 -12.09
N TYR B 365 13.36 -26.39 -11.25
CA TYR B 365 12.46 -25.34 -11.70
C TYR B 365 13.09 -23.96 -11.94
N MET B 366 13.13 -23.56 -13.20
CA MET B 366 13.66 -22.26 -13.61
C MET B 366 12.62 -21.60 -14.51
N VAL B 367 12.58 -20.27 -14.51
CA VAL B 367 11.61 -19.54 -15.32
C VAL B 367 11.68 -19.94 -16.80
N GLY B 368 10.51 -19.95 -17.44
CA GLY B 368 10.40 -20.34 -18.84
C GLY B 368 11.39 -19.79 -19.84
N ASP B 369 11.97 -18.63 -19.54
CA ASP B 369 12.95 -18.03 -20.44
C ASP B 369 14.39 -18.38 -20.06
N SER B 370 14.54 -19.51 -19.35
CA SER B 370 15.83 -20.00 -18.88
C SER B 370 16.48 -19.08 -17.84
N ARG B 371 15.66 -18.47 -17.01
CA ARG B 371 16.17 -17.58 -15.97
C ARG B 371 16.41 -18.38 -14.70
N ILE B 372 17.65 -18.36 -14.21
CA ILE B 372 17.98 -19.09 -13.00
C ILE B 372 18.45 -18.17 -11.89
N ASN B 373 17.97 -18.44 -10.68
CA ASN B 373 18.36 -17.66 -9.51
C ASN B 373 19.62 -18.32 -8.98
N ILE B 374 20.76 -17.69 -9.22
CA ILE B 374 22.05 -18.20 -8.78
C ILE B 374 22.04 -18.56 -7.29
N ALA B 375 21.39 -17.73 -6.48
CA ALA B 375 21.31 -17.96 -5.04
C ALA B 375 20.65 -19.31 -4.71
N GLY B 376 19.94 -19.87 -5.69
CA GLY B 376 19.27 -21.15 -5.51
C GLY B 376 20.22 -22.33 -5.55
N LEU B 377 21.40 -22.14 -6.12
CA LEU B 377 22.38 -23.21 -6.21
C LEU B 377 23.27 -23.29 -4.98
N ASN B 378 24.00 -24.40 -4.88
CA ASN B 378 24.95 -24.66 -3.80
C ASN B 378 25.92 -25.72 -4.29
N ASP B 379 27.02 -25.89 -3.57
CA ASP B 379 28.05 -26.85 -3.96
C ASP B 379 27.60 -28.24 -4.39
N ASN B 380 26.59 -28.81 -3.75
CA ASN B 380 26.13 -30.15 -4.13
C ASN B 380 25.03 -30.16 -5.19
N THR B 381 24.37 -29.03 -5.40
CA THR B 381 23.33 -28.98 -6.43
C THR B 381 23.86 -28.41 -7.74
N ILE B 382 25.04 -27.78 -7.67
CA ILE B 382 25.66 -27.21 -8.86
C ILE B 382 26.02 -28.27 -9.91
N PRO B 383 26.80 -29.30 -9.53
CA PRO B 383 27.15 -30.33 -10.52
C PRO B 383 25.91 -30.98 -11.12
N ILE B 384 24.86 -31.14 -10.31
CA ILE B 384 23.61 -31.74 -10.77
C ILE B 384 22.97 -30.84 -11.83
N LEU B 385 22.95 -29.53 -11.57
CA LEU B 385 22.38 -28.57 -12.52
C LEU B 385 23.17 -28.64 -13.82
N ALA B 386 24.49 -28.59 -13.69
CA ALA B 386 25.40 -28.64 -14.83
C ALA B 386 25.14 -29.90 -15.68
N ARG B 387 25.00 -31.03 -14.99
CA ARG B 387 24.73 -32.32 -15.65
C ARG B 387 23.44 -32.20 -16.46
N ALA B 388 22.42 -31.61 -15.85
CA ALA B 388 21.12 -31.42 -16.47
C ALA B 388 21.18 -30.58 -17.73
N ILE B 389 21.78 -29.40 -17.64
CA ILE B 389 21.90 -28.50 -18.78
C ILE B 389 22.70 -29.17 -19.90
N ILE B 390 23.75 -29.90 -19.53
CA ILE B 390 24.60 -30.59 -20.49
C ILE B 390 23.83 -31.67 -21.25
N GLU B 391 23.14 -32.53 -20.51
CA GLU B 391 22.37 -33.60 -21.13
C GLU B 391 21.26 -33.07 -22.05
N VAL B 392 20.61 -32.00 -21.63
CA VAL B 392 19.52 -31.39 -22.39
C VAL B 392 19.96 -30.59 -23.62
N GLY B 393 21.07 -29.88 -23.51
CA GLY B 393 21.57 -29.07 -24.60
C GLY B 393 21.42 -29.67 -25.99
N VAL B 394 20.52 -29.08 -26.78
CA VAL B 394 20.26 -29.54 -28.15
C VAL B 394 21.37 -29.07 -29.10
N1 PLP C . -13.62 5.25 6.10
C2 PLP C . -13.89 6.01 7.18
C2A PLP C . -15.26 6.64 7.34
C3 PLP C . -12.93 6.19 8.13
O3 PLP C . -13.25 6.98 9.22
C4 PLP C . -11.66 5.59 7.98
C4A PLP C . -10.69 5.74 8.96
C5 PLP C . -11.43 4.81 6.83
C6 PLP C . -12.42 4.67 5.92
C5A PLP C . -10.09 4.12 6.52
O4P PLP C . -8.94 4.13 7.35
P PLP C . -7.57 3.56 6.82
O1P PLP C . -7.41 2.20 7.34
O2P PLP C . -6.68 4.48 7.69
O3P PLP C . -7.34 3.79 5.40
N1 PLP D . 11.60 -4.50 -10.01
C2 PLP D . 12.42 -5.56 -10.13
C2A PLP D . 13.11 -5.82 -11.45
C3 PLP D . 12.63 -6.38 -9.08
O3 PLP D . 13.45 -7.45 -9.25
C4 PLP D . 11.99 -6.12 -7.87
C4A PLP D . 12.22 -6.90 -6.74
C5 PLP D . 11.14 -5.00 -7.80
C6 PLP D . 10.97 -4.23 -8.87
C5A PLP D . 10.38 -4.63 -6.56
O4P PLP D . 9.87 -5.66 -5.75
P PLP D . 9.09 -5.20 -4.50
O1P PLP D . 9.98 -4.42 -3.62
O2P PLP D . 8.83 -6.57 -3.79
O3P PLP D . 7.82 -4.59 -4.95
CA PPT E . 11.55 -10.69 -8.38
C PPT E . 11.49 -11.72 -9.50
OT1 PPT E . 11.57 -11.31 -10.68
OT2 PPT E . 11.35 -12.92 -9.21
CB PPT E . 10.56 -10.97 -7.26
CG PPT E . 9.12 -10.67 -7.60
CD1 PPT E . 8.44 -9.64 -6.95
CD2 PPT E . 8.44 -11.42 -8.55
CE1 PPT E . 7.10 -9.38 -7.24
CE2 PPT E . 7.11 -11.17 -8.84
CZ PPT E . 6.42 -10.15 -8.19
CH PPT E . 4.97 -9.90 -8.47
#